data_7XMT
#
_entry.id   7XMT
#
_cell.length_a   1.00
_cell.length_b   1.00
_cell.length_c   1.00
_cell.angle_alpha   90.00
_cell.angle_beta   90.00
_cell.angle_gamma   90.00
#
_symmetry.space_group_name_H-M   'P 1'
#
loop_
_entity.id
_entity.type
_entity.pdbx_description
1 polymer 'Somatostatin receptor type 4'
2 polymer 'Guanine nucleotide-binding protein G(i) subunit alpha-1'
3 polymer 'single chain variable fragment of antibody'
4 polymer 'Guanine nucleotide-binding protein G(I)/G(S)/G(O) subunit gamma-2'
5 polymer 'Guanine nucleotide-binding protein G(I)/G(S)/G(T) subunit beta-1'
6 non-polymer '(2~{S})-2-[[(2~{S})-4-azanyl-2-[(4-methylnaphthalen-1-yl)sulfonylamino]butanoyl]amino]-3-phenyl-propanimidic acid'
#
loop_
_entity_poly.entity_id
_entity_poly.type
_entity_poly.pdbx_seq_one_letter_code
_entity_poly.pdbx_strand_id
1 'polypeptide(L)'
;DYKDDDDGAPSAPSTLPPGGEEGLGTAWPSAANASSAPAEAEEAVAGPGDARAAGMVAIQCIYALVCLVGLVGNALVIFV
ILRYAKMKTATNIYLLNLAVADELFMLSVPFVASSAALRHWPFGSVLCRAVLSVDGLNMFTSVFCLTVLSVDRYVAVVHP
LRAATYRRPSVAKLINLGVWLASLLVTLPIAIFADTRPARGGQAVACNLQWPHPAWSAVFVVYTFLLGFLLPVLAIGLCY
LLIVGKMRAVALRAGWQQRRRSEKKITRLVLMFVVVFVLCWMPFYVVQLLNLFVTSLDATVNHVSLILSYANSCANPILY
GFLSDNFRRFFQRVLCLEFLEVLFQGPWSHPQFEKGGGSGGGSGGSAWSHPQFEK
;
R
2 'polypeptide(L)'
;MGCTLSAEDKAAVERSKMIDRNLREDGEKAAREVKLLLLGAGESGKCTIVKQMKIIHEAGYSEEECKQYKAVVYSNTIQS
IIAIIRAMGRLKIDFGDSARADDARQLFVLAGAAEEGFMTAELAGVIKRLWKDSGVQACFNRSREYQLNDSAAYYLNDLD
RIAQPNYIPTQQDVLRTRVKTTGIVETHFTFKDLHFKMFDVTAQRSERKKWIHCFEGVTAIIFCVALSDYDLVLAEDEEM
NRMHASMKLFDSICNNKWFTDTSIILFLNKKDLFEEKIKKSPLTICYPEYAGSNTYEEAAAYIQCQFEDLNKRKDTKEIY
THFTCSTDTKNVQFVFDAVTDVIIKNNLKDCGLF
;
A
3 'polypeptide(L)'
;MKTIIALSYIFCLVFADYKDDDDGAPSEPDVQLVESGGGLVQPGGSRKLSCSASGFAFSSFGMHWVRQAPEKGLEWVAYI
SSGSGTIYYADTVKGRFTISRDDPKNTLFLQMTSLRSEDTAMYYCVRSIYYYGSSPFDFWGQGTTLTVSSGGGGSGGGGS
GGGGSDIVMTQATSSVPVTPGESVSISCRSSKSLLHSNGNTYLYWFLQRPGQSPQLLIYRMSNLASGVPDRFSGSGSGTA
FTLTISRLEAEDVGVYYCMQHLEYPLTFGAGTKLELEFLEVLFQGPHHHHHH
;
S
4 'polypeptide(L)' MASNNTASIAQARKLVEQLKMEANIDRIKVSKAAADLMAYCEAHAKEDPLLTPVPASENPFREKKFFCAIL C
5 'polypeptide(L)'
;MHHHHHHGSLLQSELDQLRQEAEQLKNQIRDARKACADATLSQITNNIDPVGRIQMRTRRTLRGHLAKIYAMHWGTDSRL
LVSASQDGKLIIWDSYTTNKVHAIPLRSSWVMTCAYAPSGNYVACGGLDNICSIYNLKTREGNVRVSRELAGHTGYLSCC
RFLDDNQIVTSSGDTTCALWDIETGQQTTTFTGHTGDVMSLSLAPDTRLFVSGACDASAKLWDVREGMCRQTFTGHESDI
NAICFFPNGNAFATGSDDATCRLFDLRADQELMTYSHDNIICGITSVSFSKSGRLLLAGYDDFNCNVWDALKADRAGVLA
GHDNRVSCLGVTDDGMAVATGSWDSFLKIWN
;
B
#
# COMPACT_ATOMS: atom_id res chain seq x y z
N GLY A 55 16.00 -57.00 13.34
CA GLY A 55 16.49 -56.55 12.06
C GLY A 55 16.65 -55.04 11.98
N MET A 56 17.90 -54.58 11.98
CA MET A 56 18.21 -53.16 11.91
C MET A 56 18.37 -52.66 10.48
N VAL A 57 18.21 -53.53 9.49
CA VAL A 57 18.35 -53.10 8.09
C VAL A 57 17.17 -52.21 7.69
N ALA A 58 15.95 -52.69 7.92
CA ALA A 58 14.77 -51.89 7.58
C ALA A 58 14.63 -50.68 8.49
N ILE A 59 15.12 -50.76 9.73
CA ILE A 59 15.04 -49.63 10.64
C ILE A 59 16.01 -48.54 10.21
N GLN A 60 17.21 -48.91 9.78
CA GLN A 60 18.17 -47.93 9.27
C GLN A 60 17.78 -47.42 7.89
N CYS A 61 17.01 -48.21 7.12
CA CYS A 61 16.60 -47.76 5.80
C CYS A 61 15.55 -46.66 5.89
N ILE A 62 14.58 -46.81 6.79
CA ILE A 62 13.55 -45.78 6.95
C ILE A 62 14.11 -44.55 7.65
N TYR A 63 15.23 -44.67 8.36
CA TYR A 63 15.85 -43.50 8.98
C TYR A 63 16.33 -42.52 7.92
N ALA A 64 17.03 -43.02 6.90
CA ALA A 64 17.45 -42.17 5.80
C ALA A 64 16.27 -41.70 4.96
N LEU A 65 15.19 -42.49 4.92
CA LEU A 65 14.01 -42.10 4.16
C LEU A 65 13.30 -40.92 4.81
N VAL A 66 13.19 -40.94 6.14
CA VAL A 66 12.56 -39.83 6.85
C VAL A 66 13.37 -38.56 6.68
N CYS A 67 14.70 -38.66 6.75
CA CYS A 67 15.54 -37.48 6.62
C CYS A 67 15.54 -36.96 5.19
N LEU A 68 15.59 -37.86 4.20
CA LEU A 68 15.66 -37.42 2.81
C LEU A 68 14.33 -36.84 2.33
N VAL A 69 13.22 -37.51 2.64
CA VAL A 69 11.92 -37.03 2.18
C VAL A 69 11.55 -35.72 2.86
N GLY A 70 11.95 -35.54 4.12
CA GLY A 70 11.65 -34.29 4.81
C GLY A 70 12.58 -33.16 4.45
N LEU A 71 13.81 -33.47 4.06
CA LEU A 71 14.75 -32.42 3.68
C LEU A 71 14.32 -31.73 2.39
N VAL A 72 13.94 -32.52 1.38
CA VAL A 72 13.43 -31.94 0.14
C VAL A 72 12.07 -31.29 0.34
N GLY A 73 11.35 -31.68 1.40
CA GLY A 73 10.08 -31.06 1.70
C GLY A 73 10.24 -29.69 2.33
N ASN A 74 11.11 -29.57 3.33
CA ASN A 74 11.36 -28.28 3.95
C ASN A 74 12.08 -27.32 3.01
N ALA A 75 12.96 -27.84 2.16
CA ALA A 75 13.63 -27.00 1.18
C ALA A 75 12.63 -26.39 0.20
N LEU A 76 11.53 -27.08 -0.07
CA LEU A 76 10.49 -26.53 -0.94
C LEU A 76 9.63 -25.51 -0.19
N VAL A 77 9.36 -25.76 1.08
CA VAL A 77 8.54 -24.83 1.86
C VAL A 77 9.27 -23.50 2.06
N ILE A 78 10.56 -23.55 2.36
CA ILE A 78 11.34 -22.33 2.49
C ILE A 78 11.37 -21.57 1.17
N PHE A 79 11.41 -22.30 0.06
CA PHE A 79 11.46 -21.66 -1.26
C PHE A 79 10.14 -20.95 -1.57
N VAL A 80 9.00 -21.63 -1.34
CA VAL A 80 7.71 -21.06 -1.71
C VAL A 80 7.22 -19.99 -0.75
N ILE A 81 7.88 -19.81 0.40
CA ILE A 81 7.44 -18.81 1.37
C ILE A 81 8.19 -17.49 1.19
N LEU A 82 9.51 -17.52 1.24
CA LEU A 82 10.31 -16.29 1.14
C LEU A 82 10.45 -15.78 -0.28
N ARG A 83 9.87 -16.46 -1.27
CA ARG A 83 9.88 -16.00 -2.65
C ARG A 83 8.50 -15.63 -3.18
N TYR A 84 7.44 -16.22 -2.65
CA TYR A 84 6.07 -15.89 -3.04
C TYR A 84 5.29 -15.24 -1.92
N ALA A 85 5.26 -15.84 -0.73
CA ALA A 85 4.55 -15.26 0.40
C ALA A 85 5.33 -14.10 1.00
N LYS A 86 6.62 -14.33 1.30
CA LYS A 86 7.50 -13.31 1.87
C LYS A 86 6.94 -12.76 3.19
N MET A 87 6.41 -13.67 4.02
CA MET A 87 5.86 -13.32 5.32
C MET A 87 4.73 -12.28 5.20
N LYS A 88 3.65 -12.70 4.55
CA LYS A 88 2.53 -11.81 4.31
C LYS A 88 1.82 -11.44 5.61
N THR A 89 1.32 -12.44 6.33
CA THR A 89 0.59 -12.20 7.57
C THR A 89 1.05 -13.23 8.61
N ALA A 90 0.31 -13.32 9.70
CA ALA A 90 0.72 -14.19 10.81
C ALA A 90 0.76 -15.66 10.40
N THR A 91 -0.17 -16.09 9.56
CA THR A 91 -0.25 -17.51 9.21
C THR A 91 0.98 -17.96 8.42
N ASN A 92 1.39 -17.19 7.41
CA ASN A 92 2.59 -17.55 6.68
C ASN A 92 3.85 -17.41 7.53
N ILE A 93 3.80 -16.55 8.54
CA ILE A 93 4.92 -16.47 9.48
C ILE A 93 4.92 -17.68 10.40
N TYR A 94 3.74 -18.13 10.82
CA TYR A 94 3.65 -19.34 11.63
C TYR A 94 4.08 -20.57 10.84
N LEU A 95 3.72 -20.62 9.55
CA LEU A 95 4.19 -21.71 8.69
C LEU A 95 5.69 -21.66 8.52
N LEU A 96 6.28 -20.45 8.50
CA LEU A 96 7.73 -20.34 8.41
C LEU A 96 8.41 -20.75 9.70
N ASN A 97 7.71 -20.64 10.83
CA ASN A 97 8.30 -21.02 12.11
C ASN A 97 8.57 -22.52 12.17
N LEU A 98 7.55 -23.33 11.89
CA LEU A 98 7.73 -24.78 11.89
C LEU A 98 8.58 -25.24 10.72
N ALA A 99 8.64 -24.45 9.64
CA ALA A 99 9.47 -24.83 8.49
C ALA A 99 10.94 -24.80 8.86
N VAL A 100 11.38 -23.77 9.59
CA VAL A 100 12.76 -23.74 10.05
C VAL A 100 12.93 -24.60 11.30
N ALA A 101 11.87 -24.75 12.10
CA ALA A 101 11.95 -25.65 13.25
C ALA A 101 12.07 -27.10 12.83
N ASP A 102 11.46 -27.47 11.70
CA ASP A 102 11.65 -28.80 11.16
C ASP A 102 13.09 -28.99 10.68
N GLU A 103 13.67 -27.96 10.07
CA GLU A 103 15.08 -28.03 9.69
C GLU A 103 15.97 -28.01 10.92
N LEU A 104 15.59 -27.27 11.96
CA LEU A 104 16.28 -27.38 13.24
C LEU A 104 16.11 -28.78 13.84
N PHE A 105 14.99 -29.44 13.55
CA PHE A 105 14.81 -30.82 13.96
C PHE A 105 15.64 -31.77 13.11
N MET A 106 15.94 -31.39 11.87
CA MET A 106 16.83 -32.18 11.03
C MET A 106 18.29 -31.99 11.39
N LEU A 107 18.61 -31.03 12.26
CA LEU A 107 19.97 -30.90 12.77
C LEU A 107 20.32 -31.98 13.79
N SER A 108 19.32 -32.73 14.28
CA SER A 108 19.55 -33.77 15.26
C SER A 108 19.36 -35.18 14.72
N VAL A 109 18.67 -35.34 13.59
CA VAL A 109 18.37 -36.68 13.06
C VAL A 109 19.62 -37.41 12.55
N PRO A 110 20.67 -36.74 12.03
CA PRO A 110 21.86 -37.52 11.65
C PRO A 110 22.59 -38.09 12.86
N PHE A 111 22.44 -37.48 14.02
CA PHE A 111 23.12 -37.98 15.22
C PHE A 111 22.35 -39.13 15.87
N VAL A 112 21.02 -39.09 15.82
CA VAL A 112 20.23 -40.15 16.45
C VAL A 112 20.30 -41.44 15.64
N ALA A 113 20.26 -41.33 14.31
CA ALA A 113 20.25 -42.53 13.48
C ALA A 113 21.59 -43.27 13.56
N SER A 114 22.70 -42.54 13.56
CA SER A 114 24.00 -43.19 13.62
C SER A 114 24.31 -43.71 15.02
N SER A 115 23.87 -43.00 16.06
CA SER A 115 24.12 -43.48 17.43
C SER A 115 23.28 -44.70 17.76
N ALA A 116 22.11 -44.84 17.13
CA ALA A 116 21.30 -46.03 17.37
C ALA A 116 21.99 -47.29 16.87
N ALA A 117 22.76 -47.19 15.79
CA ALA A 117 23.55 -48.32 15.32
C ALA A 117 24.74 -48.60 16.23
N LEU A 118 25.19 -47.61 16.98
CA LEU A 118 26.29 -47.77 17.92
C LEU A 118 25.82 -48.16 19.32
N ARG A 119 24.52 -48.33 19.50
CA ARG A 119 23.90 -48.85 20.73
C ARG A 119 24.01 -47.88 21.90
N HIS A 120 24.78 -46.82 21.75
CA HIS A 120 24.87 -45.76 22.76
C HIS A 120 25.53 -44.54 22.12
N TRP A 121 25.83 -43.53 22.94
CA TRP A 121 26.30 -42.24 22.45
C TRP A 121 27.80 -42.09 22.69
N PRO A 122 28.63 -42.24 21.66
CA PRO A 122 30.09 -42.13 21.83
C PRO A 122 30.67 -40.74 21.57
N PHE A 123 29.84 -39.74 21.29
CA PHE A 123 30.37 -38.40 21.01
C PHE A 123 30.99 -37.79 22.26
N GLY A 124 30.22 -37.72 23.34
CA GLY A 124 30.73 -37.14 24.58
C GLY A 124 29.60 -36.82 25.55
N SER A 125 29.87 -35.83 26.40
CA SER A 125 28.91 -35.38 27.40
C SER A 125 28.56 -33.91 27.27
N VAL A 126 29.52 -33.06 26.87
CA VAL A 126 29.24 -31.63 26.78
C VAL A 126 28.37 -31.33 25.58
N LEU A 127 28.52 -32.08 24.49
CA LEU A 127 27.71 -31.85 23.31
C LEU A 127 26.39 -32.61 23.34
N CYS A 128 26.35 -33.77 23.99
CA CYS A 128 25.10 -34.53 24.06
C CYS A 128 24.04 -33.78 24.85
N ARG A 129 24.45 -33.13 25.94
CA ARG A 129 23.50 -32.31 26.69
C ARG A 129 23.00 -31.12 25.88
N ALA A 130 23.78 -30.68 24.89
CA ALA A 130 23.34 -29.58 24.03
C ALA A 130 22.46 -30.08 22.89
N VAL A 131 22.75 -31.26 22.35
CA VAL A 131 21.94 -31.75 21.23
C VAL A 131 20.59 -32.27 21.71
N LEU A 132 20.51 -32.74 22.96
CA LEU A 132 19.23 -33.14 23.52
C LEU A 132 18.40 -31.92 23.94
N SER A 133 19.05 -30.81 24.29
CA SER A 133 18.32 -29.60 24.62
C SER A 133 17.64 -29.03 23.38
N VAL A 134 18.37 -28.94 22.27
CA VAL A 134 17.78 -28.42 21.03
C VAL A 134 16.79 -29.41 20.45
N ASP A 135 17.00 -30.71 20.66
CA ASP A 135 16.03 -31.70 20.20
C ASP A 135 14.71 -31.55 20.96
N GLY A 136 14.78 -31.42 22.29
CA GLY A 136 13.61 -31.13 23.08
C GLY A 136 13.06 -29.73 22.86
N LEU A 137 13.91 -28.81 22.40
CA LEU A 137 13.46 -27.45 22.13
C LEU A 137 12.62 -27.37 20.85
N ASN A 138 13.03 -28.09 19.81
CA ASN A 138 12.31 -28.02 18.54
C ASN A 138 10.98 -28.76 18.62
N MET A 139 10.94 -29.90 19.31
CA MET A 139 9.68 -30.61 19.47
C MET A 139 8.72 -29.87 20.38
N PHE A 140 9.24 -29.07 21.33
CA PHE A 140 8.39 -28.14 22.06
C PHE A 140 8.00 -26.96 21.18
N THR A 141 8.91 -26.50 20.33
CA THR A 141 8.60 -25.39 19.44
C THR A 141 7.56 -25.80 18.40
N SER A 142 7.71 -26.98 17.82
CA SER A 142 6.74 -27.45 16.83
C SER A 142 5.37 -27.67 17.47
N VAL A 143 5.35 -28.11 18.72
CA VAL A 143 4.08 -28.27 19.43
C VAL A 143 3.47 -26.91 19.73
N PHE A 144 4.27 -25.98 20.27
CA PHE A 144 3.76 -24.66 20.58
C PHE A 144 3.39 -23.87 19.33
N CYS A 145 4.05 -24.15 18.21
CA CYS A 145 3.72 -23.45 16.97
C CYS A 145 2.35 -23.87 16.45
N LEU A 146 2.10 -25.18 16.38
CA LEU A 146 0.82 -25.68 15.90
C LEU A 146 -0.33 -25.32 16.84
N THR A 147 -0.04 -25.05 18.11
CA THR A 147 -1.10 -24.72 19.06
C THR A 147 -1.62 -23.30 18.84
N VAL A 148 -0.73 -22.32 18.88
CA VAL A 148 -1.16 -20.93 18.70
C VAL A 148 -1.63 -20.70 17.26
N LEU A 149 -1.05 -21.40 16.30
CA LEU A 149 -1.53 -21.30 14.92
C LEU A 149 -2.97 -21.77 14.80
N SER A 150 -3.31 -22.87 15.48
CA SER A 150 -4.70 -23.32 15.50
C SER A 150 -5.58 -22.33 16.24
N VAL A 151 -5.07 -21.70 17.30
CA VAL A 151 -5.79 -20.62 17.96
C VAL A 151 -5.89 -19.41 17.03
N ASP A 152 -4.81 -19.12 16.29
CA ASP A 152 -4.85 -18.04 15.32
C ASP A 152 -5.83 -18.34 14.19
N ARG A 153 -5.90 -19.60 13.76
CA ARG A 153 -6.89 -19.98 12.76
C ARG A 153 -8.31 -19.95 13.34
N TYR A 154 -8.44 -20.18 14.65
CA TYR A 154 -9.75 -20.14 15.27
C TYR A 154 -10.26 -18.71 15.41
N VAL A 155 -9.40 -17.80 15.89
CA VAL A 155 -9.83 -16.42 16.09
C VAL A 155 -9.98 -15.67 14.77
N ALA A 156 -9.39 -16.17 13.68
CA ALA A 156 -9.48 -15.48 12.40
C ALA A 156 -10.80 -15.74 11.69
N VAL A 157 -11.34 -16.95 11.82
CA VAL A 157 -12.59 -17.28 11.14
C VAL A 157 -13.80 -17.02 12.03
N VAL A 158 -13.65 -17.16 13.34
CA VAL A 158 -14.78 -16.95 14.24
C VAL A 158 -14.96 -15.47 14.55
N HIS A 159 -13.87 -14.76 14.83
CA HIS A 159 -13.90 -13.34 15.18
C HIS A 159 -13.05 -12.56 14.19
N PRO A 160 -13.56 -12.30 12.99
CA PRO A 160 -12.76 -11.56 12.00
C PRO A 160 -12.44 -10.14 12.44
N LEU A 161 -13.35 -9.47 13.15
CA LEU A 161 -13.09 -8.11 13.59
C LEU A 161 -12.12 -8.08 14.76
N ARG A 162 -12.06 -9.14 15.56
CA ARG A 162 -11.13 -9.19 16.69
C ARG A 162 -9.74 -9.58 16.24
N ALA A 163 -9.63 -10.46 15.24
CA ALA A 163 -8.33 -10.90 14.75
C ALA A 163 -7.64 -9.87 13.87
N ALA A 164 -8.34 -8.81 13.48
CA ALA A 164 -7.72 -7.78 12.64
C ALA A 164 -6.61 -7.04 13.39
N THR A 165 -6.67 -7.02 14.72
CA THR A 165 -5.64 -6.37 15.53
C THR A 165 -4.58 -7.35 16.02
N TYR A 166 -4.79 -8.65 15.86
CA TYR A 166 -3.83 -9.66 16.32
C TYR A 166 -3.10 -10.36 15.19
N ARG A 167 -3.61 -10.31 13.96
CA ARG A 167 -2.96 -10.93 12.82
C ARG A 167 -1.98 -10.00 12.12
N ARG A 168 -1.51 -8.96 12.81
CA ARG A 168 -0.56 -8.04 12.21
C ARG A 168 0.81 -8.70 12.10
N PRO A 169 1.59 -8.33 11.08
CA PRO A 169 2.98 -8.83 11.00
C PRO A 169 3.84 -8.40 12.18
N SER A 170 3.48 -7.32 12.87
CA SER A 170 4.24 -6.88 14.04
C SER A 170 4.04 -7.86 15.19
N VAL A 171 2.79 -8.09 15.59
CA VAL A 171 2.51 -8.99 16.71
C VAL A 171 2.90 -10.42 16.35
N ALA A 172 2.83 -10.79 15.07
CA ALA A 172 3.19 -12.15 14.67
C ALA A 172 4.64 -12.45 14.99
N LYS A 173 5.54 -11.48 14.78
CA LYS A 173 6.94 -11.71 15.07
C LYS A 173 7.22 -11.71 16.57
N LEU A 174 6.46 -10.93 17.35
CA LEU A 174 6.63 -10.96 18.80
C LEU A 174 6.16 -12.28 19.39
N ILE A 175 5.00 -12.77 18.94
CA ILE A 175 4.50 -14.03 19.44
C ILE A 175 5.26 -15.22 18.86
N ASN A 176 5.98 -15.01 17.75
CA ASN A 176 6.79 -16.08 17.18
C ASN A 176 7.93 -16.44 18.12
N LEU A 177 8.78 -15.47 18.44
CA LEU A 177 9.80 -15.68 19.46
C LEU A 177 9.23 -15.70 20.87
N GLY A 178 7.98 -15.29 21.04
CA GLY A 178 7.36 -15.36 22.36
C GLY A 178 7.15 -16.79 22.83
N VAL A 179 6.81 -17.69 21.90
CA VAL A 179 6.73 -19.10 22.25
C VAL A 179 8.10 -19.76 22.25
N TRP A 180 9.10 -19.13 21.62
CA TRP A 180 10.47 -19.64 21.71
C TRP A 180 11.00 -19.53 23.13
N LEU A 181 10.88 -18.34 23.74
CA LEU A 181 11.29 -18.17 25.13
C LEU A 181 10.41 -18.99 26.07
N ALA A 182 9.13 -19.18 25.72
CA ALA A 182 8.27 -20.02 26.52
C ALA A 182 8.63 -21.50 26.38
N SER A 183 9.19 -21.89 25.24
CA SER A 183 9.57 -23.29 25.04
C SER A 183 10.84 -23.61 25.83
N LEU A 184 11.82 -22.71 25.81
CA LEU A 184 12.99 -22.88 26.66
C LEU A 184 12.62 -22.94 28.14
N LEU A 185 11.53 -22.26 28.53
CA LEU A 185 11.08 -22.31 29.91
C LEU A 185 10.65 -23.73 30.29
N VAL A 186 10.06 -24.45 29.34
CA VAL A 186 9.72 -25.86 29.54
C VAL A 186 10.85 -26.79 29.11
N THR A 187 11.89 -26.26 28.47
CA THR A 187 13.02 -27.07 28.02
C THR A 187 14.18 -27.07 29.00
N LEU A 188 14.39 -25.98 29.73
CA LEU A 188 15.51 -25.84 30.66
C LEU A 188 15.56 -26.92 31.75
N PRO A 189 14.45 -27.56 32.14
CA PRO A 189 14.59 -28.74 33.01
C PRO A 189 15.49 -29.83 32.44
N ILE A 190 15.66 -29.89 31.12
CA ILE A 190 16.58 -30.87 30.55
C ILE A 190 18.03 -30.47 30.80
N ALA A 191 18.27 -29.21 31.15
CA ALA A 191 19.62 -28.75 31.49
C ALA A 191 19.92 -28.88 32.97
N ILE A 192 18.89 -28.86 33.82
CA ILE A 192 19.08 -29.00 35.26
C ILE A 192 19.47 -30.41 35.66
N PHE A 193 19.18 -31.41 34.82
CA PHE A 193 19.50 -32.80 35.10
C PHE A 193 20.12 -33.45 33.88
N ALA A 194 21.09 -32.76 33.28
CA ALA A 194 21.78 -33.26 32.09
C ALA A 194 23.04 -34.00 32.52
N ASP A 195 23.10 -35.29 32.23
CA ASP A 195 24.25 -36.11 32.58
C ASP A 195 24.38 -37.24 31.59
N THR A 196 25.59 -37.79 31.49
CA THR A 196 25.90 -38.88 30.58
C THR A 196 26.54 -40.02 31.37
N ARG A 197 25.84 -41.14 31.47
CA ARG A 197 26.33 -42.32 32.18
C ARG A 197 26.29 -43.50 31.20
N PRO A 198 27.34 -43.67 30.39
CA PRO A 198 27.43 -44.77 29.41
C PRO A 198 27.41 -46.15 30.06
N ALA A 206 24.61 -45.26 27.37
CA ALA A 206 23.80 -44.32 26.62
C ALA A 206 23.93 -42.90 27.17
N CYS A 207 23.16 -41.97 26.62
CA CYS A 207 23.15 -40.57 27.06
C CYS A 207 21.68 -40.17 27.22
N ASN A 208 21.11 -40.47 28.39
CA ASN A 208 19.73 -40.16 28.71
C ASN A 208 19.70 -39.25 29.95
N LEU A 209 18.50 -39.01 30.45
CA LEU A 209 18.32 -38.18 31.63
C LEU A 209 18.53 -39.02 32.89
N GLN A 210 19.15 -38.40 33.89
CA GLN A 210 19.49 -39.06 35.15
C GLN A 210 18.77 -38.35 36.29
N TRP A 211 17.87 -39.06 36.97
CA TRP A 211 17.14 -38.52 38.09
C TRP A 211 17.51 -39.24 39.38
N PRO A 212 17.59 -38.54 40.51
CA PRO A 212 17.98 -39.20 41.75
C PRO A 212 16.92 -40.14 42.31
N HIS A 213 15.64 -39.86 42.07
CA HIS A 213 14.57 -40.67 42.59
C HIS A 213 13.59 -41.03 41.48
N PRO A 214 12.98 -42.21 41.54
CA PRO A 214 11.99 -42.58 40.50
C PRO A 214 10.74 -41.72 40.55
N ALA A 215 10.38 -41.18 41.72
CA ALA A 215 9.22 -40.30 41.79
C ALA A 215 9.44 -39.00 41.03
N TRP A 216 10.69 -38.51 41.00
CA TRP A 216 10.99 -37.32 40.23
C TRP A 216 10.93 -37.59 38.74
N SER A 217 11.39 -38.77 38.31
CA SER A 217 11.32 -39.12 36.90
C SER A 217 9.89 -39.37 36.45
N ALA A 218 9.03 -39.81 37.36
CA ALA A 218 7.64 -40.05 37.00
C ALA A 218 6.85 -38.74 36.88
N VAL A 219 7.05 -37.83 37.84
CA VAL A 219 6.34 -36.56 37.81
C VAL A 219 6.84 -35.65 36.70
N PHE A 220 8.05 -35.88 36.19
CA PHE A 220 8.59 -35.04 35.13
C PHE A 220 8.07 -35.45 33.76
N VAL A 221 8.05 -36.76 33.47
CA VAL A 221 7.62 -37.22 32.16
C VAL A 221 6.12 -36.99 31.96
N VAL A 222 5.35 -36.93 33.06
CA VAL A 222 3.94 -36.62 32.95
C VAL A 222 3.69 -35.11 32.94
N TYR A 223 4.65 -34.32 33.39
CA TYR A 223 4.53 -32.86 33.30
C TYR A 223 4.62 -32.41 31.85
N THR A 224 5.59 -32.94 31.11
CA THR A 224 5.70 -32.67 29.69
C THR A 224 4.68 -33.44 28.86
N PHE A 225 3.99 -34.41 29.46
CA PHE A 225 2.93 -35.12 28.76
C PHE A 225 1.66 -34.29 28.68
N LEU A 226 1.39 -33.47 29.70
CA LEU A 226 0.20 -32.62 29.69
C LEU A 226 0.45 -31.33 28.92
N LEU A 227 1.44 -30.55 29.37
CA LEU A 227 1.74 -29.28 28.73
C LEU A 227 2.48 -29.42 27.40
N GLY A 228 2.86 -30.65 27.02
CA GLY A 228 3.57 -30.85 25.78
C GLY A 228 2.81 -31.70 24.78
N PHE A 229 2.00 -32.63 25.27
CA PHE A 229 1.19 -33.48 24.40
C PHE A 229 -0.31 -33.32 24.65
N LEU A 230 -0.76 -33.45 25.89
CA LEU A 230 -2.20 -33.55 26.15
C LEU A 230 -2.91 -32.24 25.89
N LEU A 231 -2.52 -31.18 26.60
CA LEU A 231 -3.18 -29.89 26.42
C LEU A 231 -3.06 -29.32 25.01
N PRO A 232 -1.91 -29.38 24.33
CA PRO A 232 -1.88 -28.83 22.96
C PRO A 232 -2.72 -29.60 21.97
N VAL A 233 -2.76 -30.94 22.05
CA VAL A 233 -3.57 -31.68 21.11
C VAL A 233 -5.06 -31.49 21.42
N LEU A 234 -5.40 -31.15 22.65
CA LEU A 234 -6.78 -30.82 22.99
C LEU A 234 -7.13 -29.41 22.54
N ALA A 235 -6.14 -28.52 22.45
CA ALA A 235 -6.39 -27.17 21.94
C ALA A 235 -6.66 -27.18 20.45
N ILE A 236 -5.82 -27.88 19.68
CA ILE A 236 -6.02 -27.95 18.24
C ILE A 236 -7.30 -28.69 17.89
N GLY A 237 -7.71 -29.64 18.73
CA GLY A 237 -8.97 -30.33 18.49
C GLY A 237 -10.19 -29.46 18.78
N LEU A 238 -10.11 -28.62 19.82
CA LEU A 238 -11.21 -27.70 20.10
C LEU A 238 -11.23 -26.54 19.11
N CYS A 239 -10.05 -26.07 18.69
CA CYS A 239 -10.00 -24.97 17.73
C CYS A 239 -10.54 -25.41 16.37
N TYR A 240 -10.09 -26.58 15.89
CA TYR A 240 -10.54 -27.05 14.58
C TYR A 240 -12.02 -27.43 14.60
N LEU A 241 -12.49 -28.00 15.72
CA LEU A 241 -13.91 -28.37 15.79
C LEU A 241 -14.81 -27.14 15.81
N LEU A 242 -14.38 -26.07 16.49
CA LEU A 242 -15.17 -24.85 16.49
C LEU A 242 -15.09 -24.12 15.14
N ILE A 243 -14.02 -24.35 14.39
CA ILE A 243 -13.93 -23.77 13.05
C ILE A 243 -14.96 -24.42 12.12
N VAL A 244 -14.96 -25.75 12.05
CA VAL A 244 -15.93 -26.46 11.23
C VAL A 244 -17.32 -26.43 11.87
N GLY A 245 -17.41 -26.16 13.17
CA GLY A 245 -18.71 -26.05 13.81
C GLY A 245 -19.46 -24.82 13.36
N LYS A 246 -18.81 -23.65 13.42
CA LYS A 246 -19.46 -22.43 12.95
C LYS A 246 -19.55 -22.39 11.43
N MET A 247 -18.57 -22.98 10.74
CA MET A 247 -18.63 -23.04 9.28
C MET A 247 -19.87 -23.81 8.81
N ARG A 248 -20.21 -24.88 9.51
CA ARG A 248 -21.46 -25.58 9.20
C ARG A 248 -22.67 -24.74 9.61
N ALA A 249 -22.55 -23.97 10.69
CA ALA A 249 -23.66 -23.10 11.11
C ALA A 249 -23.91 -22.01 10.08
N VAL A 250 -22.84 -21.50 9.45
CA VAL A 250 -23.00 -20.52 8.38
C VAL A 250 -23.61 -21.18 7.16
N ALA A 251 -23.35 -22.47 6.94
CA ALA A 251 -23.94 -23.17 5.80
C ALA A 251 -25.45 -23.29 5.95
N LEU A 252 -25.95 -23.57 7.16
CA LEU A 252 -27.38 -23.67 7.36
C LEU A 252 -28.07 -22.31 7.28
N ARG A 253 -27.36 -21.23 7.59
CA ARG A 253 -27.97 -19.91 7.56
C ARG A 253 -28.00 -19.31 6.16
N ALA A 254 -26.99 -19.61 5.34
CA ALA A 254 -26.93 -19.09 3.98
C ALA A 254 -27.78 -19.89 3.00
N GLY A 255 -28.51 -20.91 3.47
CA GLY A 255 -29.35 -21.72 2.61
C GLY A 255 -28.71 -22.98 2.08
N TRP A 256 -27.45 -23.24 2.41
CA TRP A 256 -26.75 -24.43 1.93
C TRP A 256 -26.85 -25.50 3.02
N GLN A 257 -28.01 -26.15 3.06
CA GLN A 257 -28.22 -27.23 4.03
C GLN A 257 -27.39 -28.45 3.67
N GLN A 258 -27.17 -28.71 2.39
CA GLN A 258 -26.33 -29.82 1.95
C GLN A 258 -24.86 -29.48 2.15
N ARG A 259 -24.09 -30.46 2.61
CA ARG A 259 -22.67 -30.26 2.88
C ARG A 259 -21.92 -30.11 1.57
N ARG A 260 -21.37 -28.93 1.32
CA ARG A 260 -20.66 -28.66 0.09
C ARG A 260 -19.29 -29.35 0.09
N ARG A 261 -18.65 -29.32 -1.08
CA ARG A 261 -17.34 -29.96 -1.22
C ARG A 261 -16.24 -29.18 -0.53
N SER A 262 -16.38 -27.86 -0.41
CA SER A 262 -15.36 -27.06 0.26
C SER A 262 -15.30 -27.37 1.74
N GLU A 263 -16.46 -27.52 2.38
CA GLU A 263 -16.48 -27.86 3.81
C GLU A 263 -15.99 -29.29 4.05
N LYS A 264 -16.28 -30.21 3.14
CA LYS A 264 -15.76 -31.56 3.26
C LYS A 264 -14.24 -31.58 3.13
N LYS A 265 -13.69 -30.71 2.29
CA LYS A 265 -12.24 -30.61 2.18
C LYS A 265 -11.62 -30.07 3.47
N ILE A 266 -12.32 -29.16 4.14
CA ILE A 266 -11.78 -28.57 5.37
C ILE A 266 -11.88 -29.57 6.52
N THR A 267 -13.03 -30.23 6.67
CA THR A 267 -13.21 -31.15 7.79
C THR A 267 -12.25 -32.34 7.70
N ARG A 268 -11.93 -32.77 6.47
CA ARG A 268 -10.93 -33.83 6.30
C ARG A 268 -9.53 -33.31 6.55
N LEU A 269 -9.28 -32.03 6.27
CA LEU A 269 -7.95 -31.47 6.48
C LEU A 269 -7.69 -31.19 7.96
N VAL A 270 -8.67 -30.58 8.65
CA VAL A 270 -8.52 -30.31 10.07
C VAL A 270 -8.52 -31.60 10.89
N LEU A 271 -9.13 -32.66 10.39
CA LEU A 271 -9.06 -33.95 11.08
C LEU A 271 -7.74 -34.66 10.81
N MET A 272 -7.20 -34.49 9.59
CA MET A 272 -5.93 -35.12 9.25
C MET A 272 -4.78 -34.50 10.04
N PHE A 273 -4.84 -33.20 10.33
CA PHE A 273 -3.80 -32.56 11.13
C PHE A 273 -3.78 -33.12 12.54
N VAL A 274 -4.95 -33.37 13.11
CA VAL A 274 -5.03 -33.84 14.50
C VAL A 274 -4.72 -35.33 14.59
N VAL A 275 -5.26 -36.13 13.66
CA VAL A 275 -5.10 -37.57 13.75
C VAL A 275 -3.65 -37.98 13.51
N VAL A 276 -2.92 -37.25 12.65
CA VAL A 276 -1.52 -37.56 12.43
C VAL A 276 -0.67 -37.11 13.62
N PHE A 277 -1.03 -35.98 14.23
CA PHE A 277 -0.29 -35.49 15.39
C PHE A 277 -0.38 -36.47 16.56
N VAL A 278 -1.44 -37.27 16.62
CA VAL A 278 -1.58 -38.24 17.70
C VAL A 278 -0.78 -39.49 17.41
N LEU A 279 -1.05 -40.13 16.26
CA LEU A 279 -0.39 -41.40 15.93
C LEU A 279 1.11 -41.25 15.68
N CYS A 280 1.65 -40.04 15.75
CA CYS A 280 3.09 -39.82 15.61
C CYS A 280 3.77 -39.39 16.89
N TRP A 281 3.04 -38.78 17.82
CA TRP A 281 3.59 -38.35 19.10
C TRP A 281 3.16 -39.23 20.26
N MET A 282 1.92 -39.72 20.25
CA MET A 282 1.47 -40.63 21.30
C MET A 282 2.28 -41.91 21.36
N PRO A 283 2.63 -42.58 20.25
CA PRO A 283 3.55 -43.72 20.35
C PRO A 283 4.90 -43.35 20.95
N PHE A 284 5.34 -42.10 20.75
CA PHE A 284 6.59 -41.67 21.37
C PHE A 284 6.44 -41.45 22.87
N TYR A 285 5.24 -41.06 23.31
CA TYR A 285 5.02 -40.80 24.73
C TYR A 285 4.72 -42.08 25.51
N VAL A 286 4.06 -43.06 24.89
CA VAL A 286 3.72 -44.27 25.63
C VAL A 286 4.94 -45.15 25.83
N VAL A 287 5.90 -45.13 24.90
CA VAL A 287 7.09 -45.95 25.06
C VAL A 287 8.01 -45.39 26.14
N GLN A 288 7.95 -44.08 26.40
CA GLN A 288 8.74 -43.52 27.49
C GLN A 288 8.21 -43.98 28.84
N LEU A 289 6.90 -44.25 28.94
CA LEU A 289 6.36 -44.82 30.16
C LEU A 289 6.73 -46.29 30.31
N LEU A 290 6.93 -46.99 29.19
CA LEU A 290 7.52 -48.32 29.26
C LEU A 290 8.97 -48.26 29.74
N ASN A 291 9.68 -47.16 29.41
CA ASN A 291 11.00 -46.96 29.98
C ASN A 291 10.92 -46.62 31.47
N LEU A 292 9.77 -46.11 31.92
CA LEU A 292 9.61 -45.79 33.33
C LEU A 292 9.56 -47.06 34.19
N PHE A 293 8.99 -48.13 33.67
CA PHE A 293 8.90 -49.39 34.40
C PHE A 293 9.61 -50.51 33.65
N LEU A 297 10.88 -54.01 29.28
CA LEU A 297 10.64 -53.37 27.99
C LEU A 297 11.33 -54.14 26.86
N ASP A 298 11.02 -53.76 25.63
CA ASP A 298 11.56 -54.41 24.44
C ASP A 298 12.67 -53.56 23.82
N ALA A 299 13.55 -54.22 23.08
CA ALA A 299 14.67 -53.58 22.42
C ALA A 299 14.35 -53.20 20.97
N THR A 300 13.11 -53.38 20.54
CA THR A 300 12.70 -53.05 19.18
C THR A 300 11.51 -52.11 19.13
N VAL A 301 11.04 -51.61 20.26
CA VAL A 301 9.89 -50.73 20.30
C VAL A 301 10.28 -49.26 20.35
N ASN A 302 11.53 -48.94 20.67
CA ASN A 302 11.98 -47.56 20.72
C ASN A 302 12.57 -47.07 19.40
N HIS A 303 13.06 -47.98 18.56
CA HIS A 303 13.71 -47.57 17.31
C HIS A 303 12.70 -47.01 16.31
N VAL A 304 11.63 -47.77 16.04
CA VAL A 304 10.64 -47.32 15.07
C VAL A 304 9.70 -46.27 15.66
N SER A 305 9.55 -46.23 16.99
CA SER A 305 8.70 -45.21 17.61
C SER A 305 9.26 -43.81 17.37
N LEU A 306 10.58 -43.66 17.42
CA LEU A 306 11.18 -42.38 17.07
C LEU A 306 11.15 -42.14 15.57
N ILE A 307 11.14 -43.21 14.77
CA ILE A 307 11.08 -43.06 13.32
C ILE A 307 9.75 -42.43 12.90
N LEU A 308 8.65 -42.95 13.45
CA LEU A 308 7.34 -42.37 13.14
C LEU A 308 7.18 -40.99 13.77
N SER A 309 7.87 -40.73 14.89
CA SER A 309 7.84 -39.40 15.47
C SER A 309 8.68 -38.43 14.66
N TYR A 310 9.82 -38.88 14.14
CA TYR A 310 10.64 -38.04 13.28
C TYR A 310 9.99 -37.85 11.91
N ALA A 311 9.15 -38.80 11.49
CA ALA A 311 8.42 -38.65 10.24
C ALA A 311 7.29 -37.64 10.34
N ASN A 312 6.88 -37.28 11.56
CA ASN A 312 5.83 -36.28 11.72
C ASN A 312 6.29 -34.92 11.19
N SER A 313 7.38 -34.39 11.75
CA SER A 313 7.92 -33.13 11.26
C SER A 313 8.50 -33.26 9.86
N CYS A 314 8.76 -34.49 9.39
CA CYS A 314 9.22 -34.68 8.03
C CYS A 314 8.08 -34.65 7.02
N ALA A 315 6.90 -35.15 7.41
CA ALA A 315 5.73 -35.12 6.55
C ALA A 315 4.91 -33.84 6.71
N ASN A 316 5.17 -33.05 7.74
CA ASN A 316 4.46 -31.78 7.91
C ASN A 316 4.67 -30.80 6.76
N PRO A 317 5.86 -30.68 6.15
CA PRO A 317 5.97 -29.80 4.97
C PRO A 317 4.98 -30.14 3.86
N ILE A 318 4.89 -31.42 3.48
CA ILE A 318 3.95 -31.82 2.43
C ILE A 318 2.53 -31.98 2.95
N LEU A 319 2.29 -31.70 4.23
CA LEU A 319 0.96 -31.82 4.81
C LEU A 319 0.27 -30.49 5.00
N TYR A 320 1.00 -29.45 5.39
CA TYR A 320 0.42 -28.13 5.64
C TYR A 320 0.57 -27.17 4.46
N GLY A 321 1.64 -27.27 3.70
CA GLY A 321 1.87 -26.36 2.60
C GLY A 321 1.54 -26.92 1.23
N PHE A 322 1.83 -28.21 1.03
CA PHE A 322 1.60 -28.82 -0.27
C PHE A 322 0.11 -29.05 -0.53
N LEU A 323 -0.64 -29.46 0.50
CA LEU A 323 -2.06 -29.72 0.32
C LEU A 323 -2.85 -28.44 0.10
N SER A 324 -2.43 -27.35 0.74
CA SER A 324 -3.11 -26.07 0.59
C SER A 324 -2.69 -25.40 -0.71
N ASP A 325 -3.66 -24.74 -1.36
CA ASP A 325 -3.40 -24.01 -2.59
C ASP A 325 -2.74 -22.66 -2.35
N ASN A 326 -2.58 -22.25 -1.09
CA ASN A 326 -1.99 -20.95 -0.81
C ASN A 326 -0.48 -20.94 -1.06
N PHE A 327 0.19 -22.07 -0.81
CA PHE A 327 1.64 -22.13 -0.95
C PHE A 327 2.08 -22.53 -2.36
N ARG A 328 1.39 -23.48 -2.98
CA ARG A 328 1.79 -23.96 -4.29
C ARG A 328 1.49 -22.97 -5.42
N ARG A 329 0.67 -21.95 -5.17
CA ARG A 329 0.35 -20.96 -6.19
C ARG A 329 1.51 -20.01 -6.42
N LEU B 5 22.77 12.12 9.00
CA LEU B 5 22.77 13.46 9.59
C LEU B 5 21.64 13.60 10.61
N SER B 6 20.47 13.04 10.28
CA SER B 6 19.32 12.97 11.20
C SER B 6 18.95 14.34 11.77
N ALA B 7 19.19 15.40 10.99
CA ALA B 7 18.86 16.75 11.45
C ALA B 7 17.35 17.00 11.34
N GLU B 8 16.83 16.95 10.11
CA GLU B 8 15.40 17.07 9.88
C GLU B 8 14.81 15.86 9.19
N ASP B 9 15.63 14.94 8.69
CA ASP B 9 15.11 13.72 8.08
C ASP B 9 14.48 12.80 9.12
N LYS B 10 14.95 12.87 10.36
CA LYS B 10 14.35 12.06 11.42
C LYS B 10 12.91 12.47 11.67
N ALA B 11 12.63 13.78 11.67
CA ALA B 11 11.25 14.24 11.79
C ALA B 11 10.44 13.92 10.54
N ALA B 12 11.09 13.93 9.37
CA ALA B 12 10.39 13.55 8.15
C ALA B 12 10.06 12.07 8.13
N VAL B 13 10.99 11.22 8.60
CA VAL B 13 10.70 9.80 8.72
C VAL B 13 9.65 9.56 9.79
N GLU B 14 9.74 10.30 10.91
CA GLU B 14 8.73 10.18 11.96
C GLU B 14 7.36 10.58 11.45
N ARG B 15 7.30 11.63 10.63
CA ARG B 15 6.03 12.02 10.03
C ARG B 15 5.53 10.95 9.06
N SER B 16 6.44 10.40 8.24
CA SER B 16 6.06 9.34 7.32
C SER B 16 5.62 8.09 8.09
N LYS B 17 6.36 7.73 9.15
CA LYS B 17 5.96 6.59 9.96
C LYS B 17 4.66 6.87 10.73
N MET B 18 4.36 8.14 10.97
CA MET B 18 3.10 8.48 11.63
C MET B 18 1.91 8.19 10.72
N ILE B 19 1.99 8.64 9.46
CA ILE B 19 0.94 8.33 8.50
C ILE B 19 1.04 6.90 7.98
N ASP B 20 2.20 6.26 8.13
CA ASP B 20 2.27 4.82 7.88
C ASP B 20 1.40 4.05 8.85
N ARG B 21 1.38 4.48 10.11
CA ARG B 21 0.47 3.85 11.08
C ARG B 21 -0.97 4.21 10.79
N ASN B 22 -1.24 5.49 10.51
CA ASN B 22 -2.62 5.93 10.26
C ASN B 22 -3.22 5.21 9.05
N LEU B 23 -2.43 5.01 8.01
CA LEU B 23 -2.92 4.28 6.84
C LEU B 23 -3.10 2.80 7.13
N ARG B 24 -2.54 2.30 8.23
CA ARG B 24 -2.69 0.88 8.56
C ARG B 24 -4.08 0.60 9.12
N GLU B 25 -4.58 1.44 10.02
CA GLU B 25 -5.94 1.22 10.53
C GLU B 25 -6.97 1.45 9.43
N ASP B 26 -6.75 2.46 8.57
CA ASP B 26 -7.69 2.72 7.49
C ASP B 26 -7.80 1.53 6.55
N GLY B 27 -6.69 0.83 6.33
CA GLY B 27 -6.75 -0.43 5.59
C GLY B 27 -7.44 -1.52 6.36
N GLU B 28 -7.32 -1.51 7.69
CA GLU B 28 -8.00 -2.50 8.51
C GLU B 28 -9.48 -2.17 8.69
N LYS B 29 -9.82 -0.88 8.78
CA LYS B 29 -11.23 -0.51 8.83
C LYS B 29 -11.94 -0.86 7.54
N ALA B 30 -11.24 -0.71 6.40
CA ALA B 30 -11.81 -1.09 5.12
C ALA B 30 -11.81 -2.60 4.91
N ALA B 31 -10.99 -3.35 5.65
CA ALA B 31 -10.96 -4.79 5.51
C ALA B 31 -12.06 -5.48 6.32
N ARG B 32 -12.38 -4.93 7.50
CA ARG B 32 -13.42 -5.54 8.34
C ARG B 32 -14.82 -5.29 7.80
N GLU B 33 -15.00 -4.25 6.97
CA GLU B 33 -16.30 -3.97 6.39
C GLU B 33 -16.47 -4.73 5.08
N VAL B 34 -17.71 -5.04 4.75
CA VAL B 34 -18.03 -5.82 3.56
C VAL B 34 -18.18 -4.87 2.37
N LYS B 35 -17.50 -5.20 1.27
CA LYS B 35 -17.53 -4.40 0.05
C LYS B 35 -18.30 -5.17 -1.02
N LEU B 36 -19.45 -4.65 -1.41
CA LEU B 36 -20.33 -5.32 -2.37
C LEU B 36 -20.55 -4.44 -3.59
N LEU B 37 -20.79 -5.10 -4.72
CA LEU B 37 -21.05 -4.43 -5.99
C LEU B 37 -22.18 -5.14 -6.70
N LEU B 38 -23.15 -4.37 -7.21
CA LEU B 38 -24.29 -4.91 -7.93
C LEU B 38 -24.25 -4.47 -9.39
N LEU B 39 -24.63 -5.38 -10.28
CA LEU B 39 -24.69 -5.13 -11.72
C LEU B 39 -26.13 -5.35 -12.20
N GLY B 40 -26.30 -5.31 -13.51
CA GLY B 40 -27.61 -5.50 -14.13
C GLY B 40 -27.76 -4.67 -15.39
N ALA B 41 -28.60 -5.16 -16.30
CA ALA B 41 -28.88 -4.47 -17.56
C ALA B 41 -30.01 -3.47 -17.36
N GLY B 42 -30.57 -2.97 -18.45
CA GLY B 42 -31.69 -2.06 -18.39
C GLY B 42 -32.89 -2.64 -17.68
N GLU B 43 -33.49 -1.87 -16.78
CA GLU B 43 -34.60 -2.31 -15.94
C GLU B 43 -34.21 -3.54 -15.12
N SER B 44 -33.07 -3.44 -14.43
CA SER B 44 -32.54 -4.54 -13.64
C SER B 44 -33.29 -4.77 -12.34
N GLY B 45 -34.23 -3.88 -11.99
CA GLY B 45 -34.94 -4.04 -10.74
C GLY B 45 -34.10 -3.77 -9.52
N LYS B 46 -33.06 -2.95 -9.64
CA LYS B 46 -32.15 -2.65 -8.55
C LYS B 46 -32.77 -1.74 -7.49
N CYS B 47 -34.01 -1.27 -7.70
CA CYS B 47 -34.65 -0.43 -6.70
C CYS B 47 -34.93 -1.16 -5.39
N THR B 48 -34.95 -2.49 -5.42
CA THR B 48 -35.21 -3.26 -4.20
C THR B 48 -33.97 -3.33 -3.32
N ILE B 49 -32.81 -3.66 -3.90
CA ILE B 49 -31.59 -3.82 -3.10
C ILE B 49 -31.12 -2.48 -2.56
N VAL B 50 -31.36 -1.39 -3.28
CA VAL B 50 -30.93 -0.07 -2.81
C VAL B 50 -31.90 0.55 -1.82
N LYS B 51 -33.11 -0.01 -1.68
CA LYS B 51 -34.08 0.52 -0.74
C LYS B 51 -33.91 -0.04 0.67
N GLN B 52 -33.37 -1.26 0.79
CA GLN B 52 -33.18 -1.87 2.10
C GLN B 52 -32.01 -1.26 2.87
N MET B 53 -31.19 -0.44 2.22
CA MET B 53 -30.06 0.19 2.90
C MET B 53 -30.55 1.25 3.87
N LYS B 54 -29.96 1.28 5.06
CA LYS B 54 -30.34 2.26 6.06
C LYS B 54 -29.84 3.66 5.74
N ILE B 55 -28.83 3.78 4.88
CA ILE B 55 -28.26 5.07 4.48
C ILE B 55 -27.81 5.87 5.69
N THR B 182 -23.38 10.03 -15.27
CA THR B 182 -22.12 10.46 -14.68
C THR B 182 -21.56 9.39 -13.73
N GLY B 183 -20.84 9.82 -12.70
CA GLY B 183 -20.20 8.88 -11.80
C GLY B 183 -21.18 7.97 -11.11
N ILE B 184 -20.66 6.84 -10.63
CA ILE B 184 -21.50 5.82 -10.01
C ILE B 184 -21.97 6.29 -8.64
N VAL B 185 -23.05 5.67 -8.17
CA VAL B 185 -23.63 5.96 -6.86
C VAL B 185 -23.12 4.96 -5.85
N GLU B 186 -22.75 5.44 -4.66
CA GLU B 186 -22.26 4.60 -3.58
C GLU B 186 -23.19 4.71 -2.38
N THR B 187 -23.40 3.59 -1.69
CA THR B 187 -24.34 3.53 -0.58
C THR B 187 -23.70 2.82 0.61
N HIS B 188 -23.91 3.36 1.80
CA HIS B 188 -23.43 2.79 3.05
C HIS B 188 -24.61 2.39 3.92
N PHE B 189 -24.52 1.21 4.53
CA PHE B 189 -25.55 0.74 5.45
C PHE B 189 -24.96 -0.32 6.35
N THR B 190 -25.26 -0.24 7.64
CA THR B 190 -24.76 -1.17 8.65
C THR B 190 -25.92 -1.99 9.20
N PHE B 191 -25.77 -3.31 9.17
CA PHE B 191 -26.80 -4.22 9.65
C PHE B 191 -26.16 -5.38 10.39
N LYS B 192 -26.78 -5.77 11.51
CA LYS B 192 -26.32 -6.89 12.34
C LYS B 192 -24.87 -6.69 12.79
N ASP B 193 -24.57 -5.47 13.25
CA ASP B 193 -23.25 -5.10 13.75
C ASP B 193 -22.17 -5.34 12.70
N LEU B 194 -22.51 -5.15 11.43
CA LEU B 194 -21.56 -5.34 10.33
C LEU B 194 -21.80 -4.27 9.28
N HIS B 195 -20.74 -3.62 8.86
CA HIS B 195 -20.83 -2.54 7.87
C HIS B 195 -20.72 -3.10 6.46
N PHE B 196 -21.56 -2.59 5.57
CA PHE B 196 -21.58 -3.00 4.18
C PHE B 196 -21.37 -1.78 3.29
N LYS B 197 -20.50 -1.94 2.29
CA LYS B 197 -20.17 -0.87 1.34
C LYS B 197 -20.67 -1.31 -0.04
N MET B 198 -21.91 -0.96 -0.35
CA MET B 198 -22.54 -1.34 -1.61
C MET B 198 -22.37 -0.23 -2.63
N PHE B 199 -22.01 -0.61 -3.86
CA PHE B 199 -21.78 0.33 -4.94
C PHE B 199 -22.83 0.14 -6.03
N ASP B 200 -23.39 1.24 -6.51
CA ASP B 200 -24.42 1.23 -7.55
C ASP B 200 -23.80 1.72 -8.84
N VAL B 201 -23.75 0.85 -9.85
CA VAL B 201 -23.20 1.24 -11.15
C VAL B 201 -24.12 2.26 -11.82
N THR B 202 -25.41 1.97 -11.88
CA THR B 202 -26.38 2.91 -12.43
C THR B 202 -26.27 3.06 -13.93
N ALA B 203 -25.92 4.26 -14.38
CA ALA B 203 -25.80 4.57 -15.81
C ALA B 203 -24.32 4.70 -16.16
N GLN B 204 -23.82 3.71 -16.91
CA GLN B 204 -22.42 3.70 -17.36
C GLN B 204 -22.41 3.29 -18.83
N ARG B 205 -22.39 4.29 -19.72
CA ARG B 205 -22.36 4.03 -21.15
C ARG B 205 -21.03 3.43 -21.59
N SER B 206 -19.99 3.58 -20.78
CA SER B 206 -18.68 3.00 -21.12
C SER B 206 -18.72 1.49 -21.02
N GLU B 207 -17.88 0.84 -21.82
CA GLU B 207 -17.78 -0.62 -21.77
C GLU B 207 -17.13 -1.06 -20.47
N ARG B 208 -17.59 -2.20 -19.95
CA ARG B 208 -17.11 -2.66 -18.65
C ARG B 208 -15.69 -3.21 -18.72
N LYS B 209 -15.18 -3.52 -19.92
CA LYS B 209 -13.87 -4.16 -20.03
C LYS B 209 -12.76 -3.29 -19.46
N LYS B 210 -12.95 -1.96 -19.46
CA LYS B 210 -11.90 -1.05 -19.04
C LYS B 210 -12.01 -0.64 -17.57
N TRP B 211 -13.09 -1.04 -16.88
CA TRP B 211 -13.21 -0.69 -15.46
C TRP B 211 -13.77 -1.83 -14.61
N ILE B 212 -13.93 -3.03 -15.17
CA ILE B 212 -14.39 -4.16 -14.35
C ILE B 212 -13.25 -4.78 -13.56
N HIS B 213 -12.00 -4.53 -13.94
CA HIS B 213 -10.86 -5.04 -13.20
C HIS B 213 -10.55 -4.23 -11.96
N CYS B 214 -11.13 -3.03 -11.82
CA CYS B 214 -10.91 -2.22 -10.62
C CYS B 214 -11.60 -2.85 -9.41
N PHE B 215 -12.76 -3.48 -9.61
CA PHE B 215 -13.50 -4.12 -8.53
C PHE B 215 -12.96 -5.51 -8.20
N GLU B 216 -11.78 -5.87 -8.67
CA GLU B 216 -11.19 -7.18 -8.39
C GLU B 216 -10.74 -7.20 -6.94
N GLY B 217 -11.55 -7.83 -6.08
CA GLY B 217 -11.25 -7.89 -4.67
C GLY B 217 -12.45 -7.63 -3.79
N VAL B 218 -13.61 -7.44 -4.42
CA VAL B 218 -14.84 -7.25 -3.65
C VAL B 218 -15.24 -8.55 -2.96
N THR B 219 -16.03 -8.41 -1.89
CA THR B 219 -16.46 -9.58 -1.14
C THR B 219 -17.33 -10.50 -2.00
N ALA B 220 -18.49 -10.02 -2.42
CA ALA B 220 -19.41 -10.83 -3.21
C ALA B 220 -20.17 -9.91 -4.16
N ILE B 221 -19.91 -10.04 -5.45
CA ILE B 221 -20.59 -9.20 -6.43
C ILE B 221 -22.06 -9.60 -6.51
N ILE B 222 -22.93 -8.59 -6.49
CA ILE B 222 -24.38 -8.80 -6.46
C ILE B 222 -24.92 -8.73 -7.87
N PHE B 223 -25.95 -9.52 -8.15
CA PHE B 223 -26.63 -9.50 -9.44
C PHE B 223 -28.12 -9.30 -9.21
N CYS B 224 -28.78 -8.62 -10.14
CA CYS B 224 -30.21 -8.35 -10.06
C CYS B 224 -30.82 -8.62 -11.43
N VAL B 225 -31.42 -9.80 -11.60
CA VAL B 225 -32.10 -10.18 -12.83
C VAL B 225 -33.60 -10.10 -12.61
N ALA B 226 -34.32 -9.59 -13.61
CA ALA B 226 -35.76 -9.44 -13.53
C ALA B 226 -36.45 -10.65 -14.14
N LEU B 227 -37.33 -11.29 -13.36
CA LEU B 227 -38.07 -12.44 -13.85
C LEU B 227 -39.08 -12.07 -14.91
N SER B 228 -39.47 -10.79 -15.00
CA SER B 228 -40.41 -10.34 -16.02
C SER B 228 -39.73 -10.00 -17.34
N ASP B 229 -38.51 -10.46 -17.55
CA ASP B 229 -37.77 -10.19 -18.77
C ASP B 229 -37.87 -11.31 -19.80
N TYR B 230 -38.63 -12.37 -19.50
CA TYR B 230 -38.73 -13.49 -20.43
C TYR B 230 -39.64 -13.18 -21.62
N ASP B 231 -40.68 -12.38 -21.42
CA ASP B 231 -41.62 -12.03 -22.48
C ASP B 231 -41.28 -10.72 -23.17
N LEU B 232 -40.92 -9.68 -22.41
CA LEU B 232 -40.57 -8.39 -23.00
C LEU B 232 -39.18 -8.46 -23.62
N VAL B 233 -39.04 -7.84 -24.79
CA VAL B 233 -37.78 -7.81 -25.51
C VAL B 233 -37.14 -6.44 -25.32
N LEU B 234 -35.83 -6.37 -25.55
CA LEU B 234 -35.11 -5.11 -25.38
C LEU B 234 -35.45 -4.15 -26.51
N ALA B 235 -35.60 -2.88 -26.16
CA ALA B 235 -35.92 -1.84 -27.13
C ALA B 235 -34.67 -1.23 -27.75
N GLU B 236 -33.81 -2.08 -28.28
CA GLU B 236 -32.58 -1.66 -28.94
C GLU B 236 -32.55 -2.02 -30.41
N ASP B 237 -32.82 -3.28 -30.75
CA ASP B 237 -32.85 -3.71 -32.14
C ASP B 237 -34.08 -4.54 -32.49
N GLU B 238 -35.01 -4.71 -31.55
CA GLU B 238 -36.25 -5.46 -31.76
C GLU B 238 -35.98 -6.91 -32.14
N GLU B 239 -34.81 -7.45 -31.80
CA GLU B 239 -34.47 -8.83 -32.12
C GLU B 239 -33.79 -9.57 -30.98
N MET B 240 -33.57 -8.93 -29.83
CA MET B 240 -32.91 -9.55 -28.69
C MET B 240 -33.84 -9.51 -27.48
N ASN B 241 -34.06 -10.67 -26.88
CA ASN B 241 -34.92 -10.77 -25.71
C ASN B 241 -34.19 -10.22 -24.48
N ARG B 242 -34.97 -9.67 -23.54
CA ARG B 242 -34.39 -9.13 -22.32
C ARG B 242 -33.83 -10.23 -21.44
N MET B 243 -34.48 -11.41 -21.43
CA MET B 243 -33.98 -12.52 -20.64
C MET B 243 -32.66 -13.03 -21.20
N HIS B 244 -32.55 -13.13 -22.52
CA HIS B 244 -31.29 -13.56 -23.14
C HIS B 244 -30.21 -12.49 -23.02
N ALA B 245 -30.61 -11.21 -23.06
CA ALA B 245 -29.63 -10.13 -22.89
C ALA B 245 -29.09 -10.09 -21.47
N SER B 246 -29.95 -10.30 -20.48
CA SER B 246 -29.49 -10.35 -19.10
C SER B 246 -28.67 -11.60 -18.84
N MET B 247 -29.04 -12.71 -19.48
CA MET B 247 -28.26 -13.93 -19.35
C MET B 247 -26.90 -13.80 -20.03
N LYS B 248 -26.84 -13.08 -21.16
CA LYS B 248 -25.56 -12.82 -21.81
C LYS B 248 -24.68 -11.93 -20.96
N LEU B 249 -25.27 -11.04 -20.17
CA LEU B 249 -24.50 -10.20 -19.26
C LEU B 249 -24.06 -10.97 -18.01
N PHE B 250 -24.83 -11.99 -17.61
CA PHE B 250 -24.44 -12.81 -16.47
C PHE B 250 -23.20 -13.63 -16.80
N ASP B 251 -23.14 -14.19 -18.01
CA ASP B 251 -21.97 -14.95 -18.43
C ASP B 251 -20.76 -14.06 -18.65
N SER B 252 -20.98 -12.84 -19.17
CA SER B 252 -19.87 -11.91 -19.38
C SER B 252 -19.26 -11.44 -18.06
N ILE B 253 -20.07 -11.37 -17.00
CA ILE B 253 -19.55 -10.94 -15.70
C ILE B 253 -18.94 -12.11 -14.94
N CYS B 254 -19.53 -13.29 -15.05
CA CYS B 254 -19.05 -14.43 -14.29
C CYS B 254 -17.78 -15.02 -14.91
N ASN B 255 -17.78 -15.27 -16.21
CA ASN B 255 -16.63 -15.87 -16.89
C ASN B 255 -15.67 -14.77 -17.33
N ASN B 256 -14.87 -14.31 -16.38
CA ASN B 256 -13.83 -13.33 -16.63
C ASN B 256 -12.60 -13.67 -15.79
N LYS B 257 -11.50 -12.98 -16.07
CA LYS B 257 -10.24 -13.21 -15.37
C LYS B 257 -10.09 -12.35 -14.12
N TRP B 258 -11.19 -11.78 -13.62
CA TRP B 258 -11.14 -10.93 -12.44
C TRP B 258 -11.99 -11.45 -11.29
N PHE B 259 -13.23 -11.86 -11.57
CA PHE B 259 -14.17 -12.29 -10.54
C PHE B 259 -14.25 -13.80 -10.42
N THR B 260 -13.13 -14.50 -10.59
CA THR B 260 -13.14 -15.96 -10.50
C THR B 260 -13.45 -16.44 -9.10
N ASP B 261 -12.95 -15.74 -8.07
CA ASP B 261 -13.13 -16.16 -6.70
C ASP B 261 -14.31 -15.49 -6.00
N THR B 262 -14.66 -14.27 -6.39
CA THR B 262 -15.75 -13.57 -5.74
C THR B 262 -17.08 -14.26 -6.02
N SER B 263 -17.92 -14.36 -4.99
CA SER B 263 -19.21 -15.01 -5.12
C SER B 263 -20.22 -14.09 -5.79
N ILE B 264 -21.22 -14.70 -6.42
CA ILE B 264 -22.28 -13.98 -7.10
C ILE B 264 -23.58 -14.20 -6.34
N ILE B 265 -24.30 -13.12 -6.06
CA ILE B 265 -25.56 -13.18 -5.33
C ILE B 265 -26.61 -12.55 -6.25
N LEU B 266 -27.29 -13.39 -7.04
CA LEU B 266 -28.33 -12.93 -7.93
C LEU B 266 -29.68 -12.96 -7.24
N PHE B 267 -30.50 -11.94 -7.51
CA PHE B 267 -31.81 -11.81 -6.90
C PHE B 267 -32.90 -11.87 -7.97
N LEU B 268 -33.99 -12.56 -7.65
CA LEU B 268 -35.14 -12.68 -8.54
C LEU B 268 -36.16 -11.63 -8.12
N ASN B 269 -36.11 -10.47 -8.77
CA ASN B 269 -36.96 -9.35 -8.40
C ASN B 269 -38.36 -9.52 -8.98
N LYS B 270 -39.34 -8.92 -8.31
CA LYS B 270 -40.73 -8.89 -8.75
C LYS B 270 -41.29 -10.31 -8.95
N LYS B 271 -41.34 -11.06 -7.85
CA LYS B 271 -41.85 -12.42 -7.90
C LYS B 271 -43.37 -12.45 -8.04
N ASP B 272 -44.06 -11.41 -7.56
CA ASP B 272 -45.52 -11.36 -7.72
C ASP B 272 -45.90 -10.99 -9.14
N LEU B 273 -45.13 -10.09 -9.77
CA LEU B 273 -45.38 -9.76 -11.17
C LEU B 273 -45.05 -10.94 -12.08
N PHE B 274 -44.09 -11.77 -11.69
CA PHE B 274 -43.73 -12.94 -12.49
C PHE B 274 -44.80 -14.02 -12.39
N GLU B 275 -45.32 -14.27 -11.19
CA GLU B 275 -46.36 -15.29 -11.02
C GLU B 275 -47.69 -14.86 -11.61
N GLU B 276 -47.90 -13.55 -11.79
CA GLU B 276 -49.14 -13.07 -12.40
C GLU B 276 -49.16 -13.30 -13.90
N LYS B 277 -47.99 -13.25 -14.54
CA LYS B 277 -47.91 -13.46 -15.99
C LYS B 277 -47.69 -14.92 -16.37
N ILE B 278 -47.25 -15.76 -15.44
CA ILE B 278 -46.98 -17.16 -15.78
C ILE B 278 -48.27 -17.95 -15.94
N LYS B 279 -49.35 -17.52 -15.29
CA LYS B 279 -50.64 -18.17 -15.46
C LYS B 279 -51.34 -17.77 -16.75
N LYS B 280 -50.73 -16.86 -17.53
CA LYS B 280 -51.26 -16.47 -18.83
C LYS B 280 -50.30 -16.71 -19.98
N SER B 281 -48.99 -16.86 -19.71
CA SER B 281 -47.98 -17.09 -20.73
C SER B 281 -47.41 -18.49 -20.60
N PRO B 282 -47.09 -19.14 -21.73
CA PRO B 282 -46.50 -20.50 -21.66
C PRO B 282 -45.05 -20.51 -21.22
N LEU B 283 -44.41 -19.35 -21.06
CA LEU B 283 -43.05 -19.21 -20.56
C LEU B 283 -42.04 -19.76 -21.57
N THR B 284 -42.51 -20.35 -22.66
CA THR B 284 -41.63 -20.85 -23.71
C THR B 284 -41.06 -19.74 -24.59
N ILE B 285 -41.43 -18.49 -24.34
CA ILE B 285 -40.93 -17.39 -25.16
C ILE B 285 -39.42 -17.27 -25.02
N CYS B 286 -38.92 -17.31 -23.78
CA CYS B 286 -37.48 -17.23 -23.55
C CYS B 286 -36.77 -18.52 -23.98
N TYR B 287 -37.16 -19.64 -23.37
CA TYR B 287 -36.57 -20.92 -23.70
C TYR B 287 -37.54 -21.73 -24.56
N PRO B 288 -37.29 -21.89 -25.86
CA PRO B 288 -38.23 -22.64 -26.69
C PRO B 288 -38.16 -24.15 -26.48
N GLU B 289 -37.02 -24.68 -26.02
CA GLU B 289 -36.88 -26.11 -25.81
C GLU B 289 -37.45 -26.57 -24.48
N TYR B 290 -37.99 -25.67 -23.68
CA TYR B 290 -38.56 -26.02 -22.38
C TYR B 290 -40.05 -26.30 -22.49
N ALA B 291 -40.51 -27.26 -21.71
CA ALA B 291 -41.93 -27.60 -21.65
C ALA B 291 -42.23 -28.16 -20.26
N GLY B 292 -42.87 -27.37 -19.43
CA GLY B 292 -43.15 -27.78 -18.07
C GLY B 292 -44.36 -27.09 -17.51
N SER B 293 -44.40 -27.00 -16.18
CA SER B 293 -45.53 -26.41 -15.49
C SER B 293 -45.41 -24.89 -15.47
N ASN B 294 -46.55 -24.21 -15.62
CA ASN B 294 -46.60 -22.75 -15.60
C ASN B 294 -46.99 -22.29 -14.19
N THR B 295 -46.12 -22.61 -13.23
CA THR B 295 -46.32 -22.27 -11.83
C THR B 295 -45.08 -21.54 -11.32
N TYR B 296 -45.29 -20.62 -10.37
CA TYR B 296 -44.20 -19.81 -9.87
C TYR B 296 -43.13 -20.67 -9.19
N GLU B 297 -43.54 -21.55 -8.28
CA GLU B 297 -42.58 -22.38 -7.57
C GLU B 297 -41.80 -23.28 -8.52
N GLU B 298 -42.42 -23.70 -9.62
CA GLU B 298 -41.71 -24.54 -10.58
C GLU B 298 -40.72 -23.71 -11.39
N ALA B 299 -41.15 -22.55 -11.90
CA ALA B 299 -40.29 -21.74 -12.76
C ALA B 299 -39.19 -21.03 -11.98
N ALA B 300 -39.48 -20.60 -10.74
CA ALA B 300 -38.45 -19.95 -9.93
C ALA B 300 -37.31 -20.92 -9.64
N ALA B 301 -37.61 -22.20 -9.48
CA ALA B 301 -36.56 -23.20 -9.29
C ALA B 301 -35.93 -23.62 -10.61
N TYR B 302 -36.69 -23.61 -11.71
CA TYR B 302 -36.15 -23.99 -13.00
C TYR B 302 -35.16 -22.96 -13.50
N ILE B 303 -35.54 -21.68 -13.48
CA ILE B 303 -34.64 -20.62 -13.94
C ILE B 303 -33.47 -20.44 -12.97
N GLN B 304 -33.61 -20.91 -11.73
CA GLN B 304 -32.49 -20.85 -10.79
C GLN B 304 -31.37 -21.78 -11.23
N CYS B 305 -31.71 -23.02 -11.59
CA CYS B 305 -30.71 -23.94 -12.11
C CYS B 305 -30.21 -23.52 -13.49
N GLN B 306 -31.02 -22.78 -14.25
CA GLN B 306 -30.59 -22.31 -15.56
C GLN B 306 -29.47 -21.29 -15.43
N PHE B 307 -29.60 -20.34 -14.50
CA PHE B 307 -28.53 -19.38 -14.27
C PHE B 307 -27.33 -20.01 -13.59
N GLU B 308 -27.49 -21.20 -13.01
CA GLU B 308 -26.39 -21.94 -12.40
C GLU B 308 -25.72 -22.90 -13.37
N ASP B 309 -26.01 -22.80 -14.67
CA ASP B 309 -25.34 -23.59 -15.68
C ASP B 309 -24.46 -22.78 -16.62
N LEU B 310 -24.66 -21.46 -16.69
CA LEU B 310 -23.84 -20.60 -17.53
C LEU B 310 -22.48 -20.29 -16.92
N ASN B 311 -22.26 -20.66 -15.67
CA ASN B 311 -20.99 -20.42 -15.00
C ASN B 311 -20.05 -21.60 -15.19
N LYS B 312 -18.79 -21.30 -15.50
CA LYS B 312 -17.77 -22.34 -15.69
C LYS B 312 -16.87 -22.51 -14.48
N ARG B 313 -16.80 -21.53 -13.58
CA ARG B 313 -15.95 -21.61 -12.39
C ARG B 313 -16.73 -22.15 -11.20
N LYS B 314 -17.33 -23.33 -11.39
CA LYS B 314 -18.09 -23.96 -10.30
C LYS B 314 -17.20 -24.50 -9.20
N ASP B 315 -15.88 -24.54 -9.40
CA ASP B 315 -14.95 -25.05 -8.40
C ASP B 315 -14.30 -23.96 -7.57
N THR B 316 -14.52 -22.68 -7.91
CA THR B 316 -13.89 -21.57 -7.20
C THR B 316 -14.90 -20.65 -6.55
N LYS B 317 -15.90 -20.19 -7.28
CA LYS B 317 -16.88 -19.24 -6.78
C LYS B 317 -18.20 -19.93 -6.44
N GLU B 318 -19.06 -19.21 -5.74
CA GLU B 318 -20.36 -19.71 -5.33
C GLU B 318 -21.45 -18.75 -5.79
N ILE B 319 -22.60 -19.31 -6.17
CA ILE B 319 -23.72 -18.55 -6.69
C ILE B 319 -24.88 -18.66 -5.71
N TYR B 320 -25.43 -17.52 -5.31
CA TYR B 320 -26.58 -17.46 -4.42
C TYR B 320 -27.81 -16.98 -5.18
N THR B 321 -28.98 -17.45 -4.75
CA THR B 321 -30.24 -17.09 -5.39
C THR B 321 -31.29 -16.87 -4.31
N HIS B 322 -32.02 -15.76 -4.41
CA HIS B 322 -33.08 -15.46 -3.46
C HIS B 322 -34.19 -14.71 -4.18
N PHE B 323 -35.38 -14.74 -3.58
CA PHE B 323 -36.56 -14.09 -4.14
C PHE B 323 -36.80 -12.78 -3.43
N THR B 324 -36.74 -11.67 -4.17
CA THR B 324 -36.90 -10.33 -3.62
C THR B 324 -38.13 -9.67 -4.23
N CYS B 325 -38.86 -8.92 -3.41
CA CYS B 325 -40.06 -8.22 -3.85
C CYS B 325 -40.45 -7.22 -2.76
N SER B 326 -41.51 -6.46 -3.03
CA SER B 326 -42.02 -5.54 -2.02
C SER B 326 -42.69 -6.29 -0.87
N THR B 327 -43.34 -7.41 -1.18
CA THR B 327 -43.89 -8.28 -0.15
C THR B 327 -42.84 -9.28 0.32
N ASP B 328 -42.94 -9.66 1.60
CA ASP B 328 -41.96 -10.55 2.24
C ASP B 328 -40.54 -10.00 2.07
N THR B 329 -40.39 -8.71 2.38
CA THR B 329 -39.14 -8.00 2.16
C THR B 329 -38.17 -8.29 3.30
N LYS B 330 -37.12 -7.47 3.42
CA LYS B 330 -36.05 -7.64 4.43
C LYS B 330 -35.30 -8.96 4.16
N ASN B 331 -34.84 -9.10 2.93
CA ASN B 331 -34.00 -10.22 2.51
C ASN B 331 -32.52 -9.96 2.80
N VAL B 332 -32.21 -8.92 3.57
CA VAL B 332 -30.83 -8.63 3.92
C VAL B 332 -30.25 -9.72 4.81
N GLN B 333 -31.10 -10.49 5.51
CA GLN B 333 -30.61 -11.62 6.28
C GLN B 333 -30.00 -12.68 5.37
N PHE B 334 -30.48 -12.79 4.12
CA PHE B 334 -29.89 -13.73 3.18
C PHE B 334 -28.51 -13.25 2.73
N VAL B 335 -28.39 -11.98 2.34
CA VAL B 335 -27.10 -11.47 1.89
C VAL B 335 -26.14 -11.32 3.06
N PHE B 336 -26.65 -11.11 4.27
CA PHE B 336 -25.77 -11.06 5.44
C PHE B 336 -25.13 -12.41 5.70
N ASP B 337 -25.94 -13.49 5.64
CA ASP B 337 -25.39 -14.83 5.75
C ASP B 337 -24.56 -15.22 4.53
N ALA B 338 -24.81 -14.58 3.38
CA ALA B 338 -24.02 -14.87 2.18
C ALA B 338 -22.64 -14.24 2.27
N VAL B 339 -22.57 -12.97 2.64
CA VAL B 339 -21.27 -12.31 2.76
C VAL B 339 -20.50 -12.85 3.95
N THR B 340 -21.21 -13.37 4.96
CA THR B 340 -20.53 -14.04 6.08
C THR B 340 -19.87 -15.32 5.60
N ASP B 341 -20.52 -16.03 4.67
CA ASP B 341 -19.92 -17.23 4.09
C ASP B 341 -18.69 -16.90 3.26
N VAL B 342 -18.69 -15.73 2.60
CA VAL B 342 -17.56 -15.37 1.74
C VAL B 342 -16.36 -14.93 2.58
N ILE B 343 -16.60 -14.08 3.57
CA ILE B 343 -15.49 -13.58 4.39
C ILE B 343 -14.86 -14.72 5.18
N ILE B 344 -15.65 -15.73 5.54
CA ILE B 344 -15.07 -16.91 6.19
C ILE B 344 -14.27 -17.72 5.19
N LYS B 345 -14.79 -17.88 3.97
CA LYS B 345 -14.00 -18.50 2.90
C LYS B 345 -12.73 -17.71 2.63
N ASN B 346 -12.81 -16.37 2.76
CA ASN B 346 -11.61 -15.56 2.66
C ASN B 346 -10.72 -15.74 3.89
N ASN B 347 -11.32 -15.91 5.07
CA ASN B 347 -10.53 -16.17 6.27
C ASN B 347 -9.88 -17.54 6.23
N LEU B 348 -10.54 -18.52 5.61
CA LEU B 348 -9.90 -19.82 5.42
C LEU B 348 -8.73 -19.73 4.46
N LYS B 349 -8.82 -18.86 3.44
CA LYS B 349 -7.68 -18.60 2.58
C LYS B 349 -6.58 -17.86 3.34
N ASP B 350 -6.95 -17.04 4.32
CA ASP B 350 -5.95 -16.39 5.16
C ASP B 350 -5.20 -17.41 6.01
N CYS B 351 -5.92 -18.43 6.49
CA CYS B 351 -5.30 -19.48 7.30
C CYS B 351 -4.50 -20.47 6.46
N GLY B 352 -4.76 -20.54 5.16
CA GLY B 352 -4.08 -21.49 4.31
C GLY B 352 -4.66 -22.89 4.40
N LEU B 353 -5.98 -23.00 4.27
CA LEU B 353 -6.66 -24.28 4.35
C LEU B 353 -7.26 -24.76 3.04
N PHE B 354 -7.51 -23.84 2.10
CA PHE B 354 -8.05 -24.22 0.80
C PHE B 354 -6.95 -24.73 -0.13
N ASP C 30 -6.82 31.15 8.70
CA ASP C 30 -6.10 32.14 9.48
C ASP C 30 -5.36 31.49 10.64
N VAL C 31 -4.04 31.33 10.48
CA VAL C 31 -3.22 30.71 11.52
C VAL C 31 -3.10 31.66 12.70
N GLN C 32 -3.35 31.15 13.90
CA GLN C 32 -3.30 31.96 15.11
C GLN C 32 -2.74 31.11 16.24
N LEU C 33 -1.78 31.66 16.98
CA LEU C 33 -1.16 31.00 18.12
C LEU C 33 -1.16 31.98 19.29
N VAL C 34 -2.15 31.87 20.16
CA VAL C 34 -2.31 32.74 21.32
C VAL C 34 -1.90 31.98 22.57
N GLU C 35 -1.19 32.66 23.47
CA GLU C 35 -0.73 32.09 24.72
C GLU C 35 -1.46 32.74 25.89
N SER C 36 -1.48 32.03 27.01
CA SER C 36 -2.11 32.50 28.23
C SER C 36 -1.12 32.36 29.40
N GLY C 37 -1.57 32.76 30.58
CA GLY C 37 -0.74 32.71 31.76
C GLY C 37 -0.05 34.04 32.05
N GLY C 38 -0.80 35.13 32.00
CA GLY C 38 -0.23 36.44 32.24
C GLY C 38 0.00 36.74 33.70
N GLY C 39 1.25 36.73 34.12
CA GLY C 39 1.60 37.00 35.50
C GLY C 39 2.97 36.51 35.89
N LEU C 40 3.69 37.32 36.67
CA LEU C 40 5.03 36.94 37.13
C LEU C 40 4.95 35.78 38.12
N VAL C 41 6.02 34.99 38.17
CA VAL C 41 6.07 33.82 39.03
C VAL C 41 7.14 34.05 40.10
N GLN C 42 6.88 33.50 41.29
CA GLN C 42 7.81 33.55 42.42
C GLN C 42 8.75 32.35 42.36
N PRO C 43 10.06 32.54 42.54
CA PRO C 43 10.98 31.40 42.49
C PRO C 43 10.71 30.42 43.61
N GLY C 44 10.39 29.19 43.23
CA GLY C 44 10.07 28.14 44.19
C GLY C 44 8.69 27.55 43.99
N GLY C 45 8.18 27.65 42.76
CA GLY C 45 6.86 27.10 42.43
C GLY C 45 6.79 26.75 40.97
N SER C 46 5.64 27.00 40.36
CA SER C 46 5.44 26.69 38.95
C SER C 46 4.37 27.60 38.38
N ARG C 47 4.35 27.70 37.04
CA ARG C 47 3.37 28.51 36.33
C ARG C 47 2.50 27.68 35.41
N LYS C 48 3.10 26.82 34.58
CA LYS C 48 2.39 25.88 33.71
C LYS C 48 1.44 26.63 32.78
N LEU C 49 2.05 27.41 31.89
CA LEU C 49 1.28 28.24 30.97
C LEU C 49 0.66 27.37 29.86
N SER C 50 -0.33 27.95 29.19
CA SER C 50 -1.09 27.28 28.15
C SER C 50 -0.90 28.00 26.82
N CYS C 51 -1.16 27.27 25.73
CA CYS C 51 -1.07 27.83 24.38
C CYS C 51 -2.05 27.10 23.48
N SER C 52 -3.03 27.83 22.95
CA SER C 52 -4.02 27.27 22.05
C SER C 52 -3.67 27.58 20.60
N ALA C 53 -4.26 26.81 19.69
CA ALA C 53 -4.02 26.96 18.26
C ALA C 53 -5.35 27.08 17.54
N SER C 54 -5.31 27.74 16.37
CA SER C 54 -6.51 27.93 15.57
C SER C 54 -6.09 28.16 14.12
N GLY C 55 -6.96 27.74 13.20
CA GLY C 55 -6.75 27.96 11.78
C GLY C 55 -5.88 26.94 11.07
N PHE C 56 -5.42 25.91 11.77
CA PHE C 56 -4.56 24.90 11.15
C PHE C 56 -4.64 23.62 11.95
N ALA C 57 -4.16 22.54 11.34
CA ALA C 57 -4.15 21.22 11.98
C ALA C 57 -3.04 21.19 13.02
N PHE C 58 -3.40 21.39 14.29
CA PHE C 58 -2.40 21.40 15.36
C PHE C 58 -1.75 20.03 15.56
N SER C 59 -2.41 18.95 15.16
CA SER C 59 -1.87 17.61 15.38
C SER C 59 -0.71 17.28 14.45
N SER C 60 -0.66 17.88 13.27
CA SER C 60 0.34 17.57 12.26
C SER C 60 1.41 18.66 12.16
N PHE C 61 1.80 19.26 13.27
CA PHE C 61 2.84 20.28 13.29
C PHE C 61 3.71 20.12 14.52
N GLY C 62 5.02 20.24 14.32
CA GLY C 62 5.96 20.20 15.42
C GLY C 62 6.05 21.53 16.15
N MET C 63 5.63 21.54 17.41
CA MET C 63 5.57 22.77 18.19
C MET C 63 6.92 23.05 18.83
N HIS C 64 7.43 24.27 18.65
CA HIS C 64 8.69 24.70 19.20
C HIS C 64 8.46 25.78 20.25
N TRP C 65 9.40 25.89 21.18
CA TRP C 65 9.39 26.93 22.21
C TRP C 65 10.67 27.74 22.11
N VAL C 66 10.54 29.04 21.89
CA VAL C 66 11.66 29.95 21.76
C VAL C 66 11.54 31.04 22.82
N ARG C 67 12.62 31.30 23.54
CA ARG C 67 12.67 32.32 24.56
C ARG C 67 13.44 33.53 24.06
N GLN C 68 13.11 34.70 24.61
CA GLN C 68 13.80 35.94 24.24
C GLN C 68 13.69 36.91 25.41
N ALA C 69 14.80 37.14 26.10
CA ALA C 69 14.85 38.16 27.13
C ALA C 69 14.84 39.54 26.48
N PRO C 70 14.49 40.59 27.26
CA PRO C 70 14.50 41.95 26.70
C PRO C 70 15.83 42.32 26.03
N GLU C 71 15.78 42.53 24.71
CA GLU C 71 16.96 42.84 23.90
C GLU C 71 18.03 41.76 24.08
N LYS C 72 17.65 40.53 23.69
CA LYS C 72 18.55 39.38 23.76
C LYS C 72 18.27 38.47 22.58
N GLY C 73 19.20 37.55 22.33
CA GLY C 73 19.04 36.62 21.23
C GLY C 73 18.04 35.52 21.53
N LEU C 74 17.44 34.98 20.48
CA LEU C 74 16.49 33.89 20.63
C LEU C 74 17.20 32.61 21.07
N GLU C 75 16.44 31.72 21.70
CA GLU C 75 16.98 30.47 22.19
C GLU C 75 15.88 29.42 22.20
N TRP C 76 16.15 28.28 21.55
CA TRP C 76 15.20 27.18 21.52
C TRP C 76 15.11 26.52 22.89
N VAL C 77 13.89 26.14 23.28
CA VAL C 77 13.62 25.57 24.60
C VAL C 77 13.20 24.12 24.51
N ALA C 78 12.09 23.85 23.82
CA ALA C 78 11.58 22.48 23.70
C ALA C 78 10.88 22.32 22.35
N TYR C 79 10.79 21.07 21.91
CA TYR C 79 10.14 20.76 20.65
C TYR C 79 9.48 19.39 20.76
N ILE C 80 8.20 19.34 20.41
CA ILE C 80 7.45 18.08 20.38
C ILE C 80 6.93 17.87 18.96
N SER C 81 6.92 16.61 18.53
CA SER C 81 6.54 16.26 17.17
C SER C 81 5.08 15.82 17.14
N SER C 82 4.65 15.31 15.98
CA SER C 82 3.28 14.85 15.82
C SER C 82 3.10 13.52 16.57
N GLY C 83 2.25 13.53 17.59
CA GLY C 83 1.97 12.34 18.35
C GLY C 83 2.82 12.15 19.59
N SER C 84 3.48 13.21 20.05
CA SER C 84 4.33 13.16 21.25
C SER C 84 5.41 12.09 21.14
N GLY C 85 5.89 11.85 19.92
CA GLY C 85 6.91 10.84 19.70
C GLY C 85 8.30 11.30 20.08
N THR C 86 8.79 12.35 19.41
CA THR C 86 10.10 12.90 19.67
C THR C 86 9.94 14.17 20.51
N ILE C 87 10.37 14.10 21.77
CA ILE C 87 10.27 15.21 22.71
C ILE C 87 11.69 15.56 23.13
N TYR C 88 12.21 16.67 22.60
CA TYR C 88 13.56 17.12 22.91
C TYR C 88 13.51 18.37 23.79
N TYR C 89 14.51 18.50 24.66
CA TYR C 89 14.63 19.66 25.53
C TYR C 89 16.04 20.23 25.40
N ALA C 90 16.17 21.51 25.74
CA ALA C 90 17.47 22.16 25.74
C ALA C 90 18.20 21.87 27.06
N ASP C 91 19.53 21.89 27.00
CA ASP C 91 20.32 21.64 28.20
C ASP C 91 20.07 22.67 29.30
N THR C 92 19.57 23.85 28.94
CA THR C 92 19.21 24.83 29.95
C THR C 92 17.91 24.47 30.66
N VAL C 93 17.01 23.78 29.97
CA VAL C 93 15.71 23.40 30.52
C VAL C 93 15.55 21.89 30.66
N LYS C 94 16.57 21.10 30.31
CA LYS C 94 16.45 19.65 30.41
C LYS C 94 16.36 19.22 31.86
N GLY C 95 15.29 18.50 32.20
CA GLY C 95 15.06 18.07 33.56
C GLY C 95 14.25 19.04 34.40
N ARG C 96 13.95 20.23 33.88
CA ARG C 96 13.20 21.24 34.61
C ARG C 96 11.83 21.53 33.99
N PHE C 97 11.77 21.74 32.68
CA PHE C 97 10.52 22.04 32.01
C PHE C 97 9.94 20.78 31.36
N THR C 98 8.62 20.77 31.23
CA THR C 98 7.91 19.63 30.64
C THR C 98 6.87 20.16 29.67
N ILE C 99 6.79 19.55 28.49
CA ILE C 99 5.86 19.95 27.44
C ILE C 99 4.82 18.85 27.26
N SER C 100 3.56 19.25 27.11
CA SER C 100 2.47 18.33 26.89
C SER C 100 1.45 18.96 25.95
N ARG C 101 1.16 18.27 24.85
CA ARG C 101 0.20 18.74 23.86
C ARG C 101 -1.09 17.93 23.95
N ASP C 102 -2.17 18.52 23.42
CA ASP C 102 -3.48 17.89 23.39
C ASP C 102 -4.04 18.02 21.98
N ASP C 103 -3.98 16.92 21.21
CA ASP C 103 -4.50 16.96 19.85
C ASP C 103 -6.01 17.13 19.81
N PRO C 104 -6.81 16.45 20.63
CA PRO C 104 -8.27 16.72 20.61
C PRO C 104 -8.63 18.11 21.08
N LYS C 105 -7.75 18.79 21.81
CA LYS C 105 -8.03 20.12 22.34
C LYS C 105 -7.35 21.24 21.56
N ASN C 106 -6.35 20.93 20.74
CA ASN C 106 -5.56 21.94 20.03
C ASN C 106 -4.96 22.96 20.99
N THR C 107 -4.48 22.46 22.13
CA THR C 107 -3.91 23.30 23.18
C THR C 107 -2.60 22.70 23.65
N LEU C 108 -1.57 23.52 23.76
CA LEU C 108 -0.25 23.09 24.18
C LEU C 108 0.00 23.57 25.61
N PHE C 109 0.19 22.62 26.52
CA PHE C 109 0.47 22.93 27.92
C PHE C 109 1.96 22.75 28.18
N LEU C 110 2.59 23.80 28.70
CA LEU C 110 4.03 23.80 29.00
C LEU C 110 4.19 23.93 30.51
N GLN C 111 4.44 22.80 31.17
CA GLN C 111 4.64 22.78 32.62
C GLN C 111 6.07 23.22 32.93
N MET C 112 6.21 24.36 33.60
CA MET C 112 7.50 24.93 33.95
C MET C 112 7.64 24.93 35.47
N THR C 113 8.57 24.13 35.98
CA THR C 113 8.87 24.08 37.40
C THR C 113 10.35 24.34 37.63
N SER C 114 10.69 24.69 38.88
CA SER C 114 12.05 25.06 39.27
C SER C 114 12.57 26.22 38.41
N LEU C 115 11.81 27.31 38.44
CA LEU C 115 12.14 28.49 37.66
C LEU C 115 13.16 29.36 38.40
N ARG C 116 13.89 30.17 37.63
CA ARG C 116 14.88 31.08 38.19
C ARG C 116 14.81 32.39 37.41
N SER C 117 15.75 33.28 37.68
CA SER C 117 15.72 34.61 37.08
C SER C 117 16.02 34.58 35.59
N GLU C 118 16.82 33.61 35.13
CA GLU C 118 17.15 33.53 33.70
C GLU C 118 15.97 33.06 32.85
N ASP C 119 14.87 32.64 33.46
CA ASP C 119 13.71 32.20 32.71
C ASP C 119 12.82 33.34 32.26
N THR C 120 13.19 34.59 32.55
CA THR C 120 12.40 35.75 32.12
C THR C 120 12.56 35.95 30.63
N ALA C 121 11.50 35.69 29.87
CA ALA C 121 11.55 35.80 28.41
C ALA C 121 10.12 35.90 27.89
N MET C 122 9.97 35.76 26.57
CA MET C 122 8.66 35.88 25.93
C MET C 122 7.98 34.53 25.72
N TYR C 123 8.75 33.45 25.59
CA TYR C 123 8.22 32.09 25.40
C TYR C 123 7.37 32.02 24.13
N TYR C 124 8.02 32.23 22.99
CA TYR C 124 7.34 32.13 21.71
C TYR C 124 6.99 30.68 21.40
N CYS C 125 5.83 30.48 20.78
CA CYS C 125 5.39 29.16 20.32
C CYS C 125 5.40 29.15 18.81
N VAL C 126 6.12 28.18 18.23
CA VAL C 126 6.31 28.10 16.78
C VAL C 126 5.86 26.73 16.31
N ARG C 127 5.17 26.69 15.17
CA ARG C 127 4.77 25.46 14.52
C ARG C 127 5.73 25.14 13.39
N SER C 128 5.88 23.85 13.09
CA SER C 128 6.81 23.42 12.06
C SER C 128 6.42 22.03 11.56
N ILE C 129 6.39 21.87 10.24
CA ILE C 129 6.18 20.57 9.61
C ILE C 129 7.43 20.24 8.80
N TYR C 130 7.80 18.95 8.80
CA TYR C 130 9.09 18.52 8.25
C TYR C 130 8.85 17.60 7.07
N TYR C 131 9.21 18.06 5.87
CA TYR C 131 9.25 17.25 4.67
C TYR C 131 10.08 17.99 3.63
N TYR C 132 10.28 17.36 2.48
CA TYR C 132 11.07 17.99 1.43
C TYR C 132 10.28 19.13 0.78
N GLY C 133 10.89 20.30 0.72
CA GLY C 133 10.21 21.48 0.23
C GLY C 133 9.33 22.17 1.24
N SER C 134 9.34 21.72 2.50
CA SER C 134 8.51 22.33 3.54
C SER C 134 9.08 23.69 3.94
N SER C 135 8.31 24.38 4.79
CA SER C 135 8.69 25.70 5.32
C SER C 135 8.64 25.62 6.84
N PRO C 136 9.69 25.12 7.47
CA PRO C 136 9.70 25.04 8.94
C PRO C 136 9.75 26.42 9.58
N PHE C 137 9.19 26.49 10.80
CA PHE C 137 9.16 27.73 11.58
C PHE C 137 8.43 28.84 10.82
N ASP C 138 7.19 28.55 10.41
CA ASP C 138 6.42 29.51 9.63
C ASP C 138 5.77 30.57 10.52
N PHE C 139 4.90 30.14 11.42
CA PHE C 139 4.14 31.04 12.27
C PHE C 139 4.68 31.02 13.70
N TRP C 140 4.84 32.20 14.27
CA TRP C 140 5.30 32.36 15.65
C TRP C 140 4.17 32.88 16.52
N GLY C 141 4.08 32.36 17.73
CA GLY C 141 3.06 32.81 18.65
C GLY C 141 3.35 34.18 19.24
N GLN C 142 2.34 34.74 19.90
CA GLN C 142 2.50 36.04 20.53
C GLN C 142 3.42 35.97 21.75
N GLY C 143 3.40 34.84 22.45
CA GLY C 143 4.27 34.66 23.60
C GLY C 143 3.77 35.32 24.86
N THR C 144 4.19 34.80 26.01
CA THR C 144 3.82 35.36 27.32
C THR C 144 5.07 35.88 27.99
N THR C 145 5.13 37.19 28.18
CA THR C 145 6.29 37.82 28.81
C THR C 145 6.29 37.55 30.31
N LEU C 146 6.86 36.42 30.71
CA LEU C 146 6.92 36.04 32.11
C LEU C 146 8.20 36.58 32.76
N THR C 147 8.06 37.10 33.97
CA THR C 147 9.18 37.62 34.74
C THR C 147 9.24 36.90 36.08
N VAL C 148 10.43 36.87 36.67
CA VAL C 148 10.69 36.16 37.91
C VAL C 148 11.21 37.15 38.94
N SER C 149 10.64 37.11 40.15
CA SER C 149 11.07 37.98 41.24
C SER C 149 12.50 37.67 41.66
N SER C 150 13.42 38.59 41.41
CA SER C 150 14.82 38.38 41.76
C SER C 150 15.04 38.55 43.26
N SER C 165 30.33 19.94 20.83
CA SER C 165 29.21 20.44 21.62
C SER C 165 28.14 21.06 20.73
N ASP C 166 27.47 22.08 21.25
CA ASP C 166 26.43 22.76 20.49
C ASP C 166 27.03 23.67 19.43
N ILE C 167 26.30 23.84 18.33
CA ILE C 167 26.75 24.70 17.23
C ILE C 167 26.48 26.15 17.61
N VAL C 168 27.56 26.92 17.77
CA VAL C 168 27.46 28.33 18.13
C VAL C 168 27.27 29.15 16.86
N MET C 169 26.17 29.90 16.79
CA MET C 169 25.86 30.74 15.64
C MET C 169 26.27 32.17 15.95
N THR C 170 27.27 32.67 15.23
CA THR C 170 27.80 34.02 15.42
C THR C 170 27.57 34.84 14.16
N GLN C 171 27.22 36.10 14.34
CA GLN C 171 27.00 37.01 13.22
C GLN C 171 28.07 38.09 13.10
N ALA C 172 28.90 38.27 14.11
CA ALA C 172 29.98 39.27 14.15
C ALA C 172 29.47 40.69 14.00
N THR C 173 28.16 40.91 14.14
CA THR C 173 27.58 42.25 14.04
C THR C 173 26.26 42.25 14.79
N SER C 174 26.04 43.28 15.60
CA SER C 174 24.85 43.38 16.42
C SER C 174 23.91 44.51 16.03
N SER C 175 24.42 45.59 15.44
CA SER C 175 23.59 46.73 15.09
C SER C 175 24.11 47.35 13.79
N VAL C 176 23.19 47.57 12.85
CA VAL C 176 23.53 48.20 11.56
C VAL C 176 22.57 49.36 11.34
N PRO C 177 22.90 50.57 11.79
CA PRO C 177 22.04 51.74 11.52
C PRO C 177 22.18 52.19 10.09
N VAL C 178 21.17 51.89 9.27
CA VAL C 178 21.17 52.22 7.85
C VAL C 178 19.78 52.67 7.45
N THR C 179 19.67 53.88 6.93
CA THR C 179 18.40 54.39 6.43
C THR C 179 18.11 53.81 5.04
N PRO C 180 16.84 53.69 4.66
CA PRO C 180 16.52 53.17 3.32
C PRO C 180 17.03 54.10 2.23
N GLY C 181 17.50 53.48 1.14
CA GLY C 181 18.10 54.22 0.04
C GLY C 181 19.23 53.46 -0.61
N GLU C 182 19.73 52.42 0.07
CA GLU C 182 20.74 51.54 -0.49
C GLU C 182 20.48 50.12 -0.01
N SER C 183 21.11 49.16 -0.69
CA SER C 183 20.93 47.77 -0.35
C SER C 183 21.64 47.43 0.96
N VAL C 184 21.10 46.44 1.67
CA VAL C 184 21.62 46.01 2.95
C VAL C 184 21.85 44.51 2.90
N SER C 185 23.05 44.08 3.31
CA SER C 185 23.42 42.68 3.33
C SER C 185 23.90 42.31 4.73
N ILE C 186 23.38 41.21 5.27
CA ILE C 186 23.69 40.75 6.61
C ILE C 186 24.23 39.33 6.53
N SER C 187 25.38 39.10 7.15
CA SER C 187 26.05 37.81 7.13
C SER C 187 25.96 37.14 8.49
N CYS C 188 26.29 35.85 8.51
CA CYS C 188 26.29 35.06 9.74
C CYS C 188 27.23 33.87 9.56
N ARG C 189 27.86 33.48 10.66
CA ARG C 189 28.81 32.38 10.68
C ARG C 189 28.27 31.23 11.52
N SER C 190 28.98 30.11 11.49
CA SER C 190 28.58 28.91 12.19
C SER C 190 29.81 28.18 12.71
N SER C 191 29.64 27.50 13.85
CA SER C 191 30.74 26.73 14.43
C SER C 191 31.01 25.47 13.65
N LYS C 192 29.99 24.90 13.00
CA LYS C 192 30.12 23.70 12.21
C LYS C 192 29.58 23.96 10.81
N SER C 193 30.21 23.34 9.81
CA SER C 193 29.77 23.49 8.43
C SER C 193 28.39 22.85 8.26
N LEU C 194 27.44 23.63 7.74
CA LEU C 194 26.07 23.17 7.55
C LEU C 194 25.87 22.44 6.23
N LEU C 195 26.95 22.14 5.50
CA LEU C 195 26.84 21.43 4.24
C LEU C 195 26.71 19.93 4.51
N HIS C 196 25.60 19.35 4.05
CA HIS C 196 25.30 17.95 4.30
C HIS C 196 25.59 17.12 3.05
N SER C 197 25.25 15.84 3.11
CA SER C 197 25.51 14.91 2.02
C SER C 197 24.40 14.89 0.98
N ASN C 198 23.17 15.22 1.37
CA ASN C 198 22.07 15.22 0.40
C ASN C 198 22.14 16.40 -0.55
N GLY C 199 22.62 17.56 -0.07
CA GLY C 199 22.79 18.70 -0.94
C GLY C 199 22.31 20.02 -0.36
N ASN C 200 21.27 19.99 0.46
CA ASN C 200 20.70 21.21 0.99
C ASN C 200 21.48 21.69 2.23
N THR C 201 21.34 22.97 2.53
CA THR C 201 21.98 23.59 3.68
C THR C 201 20.88 24.14 4.59
N TYR C 202 20.72 23.53 5.76
CA TYR C 202 19.64 23.89 6.68
C TYR C 202 20.01 25.19 7.38
N LEU C 203 19.40 26.28 6.95
CA LEU C 203 19.59 27.59 7.56
C LEU C 203 18.29 28.37 7.46
N TYR C 204 17.94 29.08 8.54
CA TYR C 204 16.69 29.82 8.61
C TYR C 204 16.96 31.24 9.12
N TRP C 205 16.36 32.21 8.46
CA TRP C 205 16.47 33.61 8.84
C TRP C 205 15.14 34.10 9.40
N PHE C 206 15.21 34.87 10.48
CA PHE C 206 14.03 35.38 11.17
C PHE C 206 14.16 36.86 11.39
N LEU C 207 13.10 37.61 11.08
CA LEU C 207 13.05 39.05 11.31
C LEU C 207 11.99 39.34 12.36
N GLN C 208 12.39 40.04 13.42
CA GLN C 208 11.50 40.37 14.53
C GLN C 208 11.35 41.88 14.60
N ARG C 209 10.12 42.35 14.39
CA ARG C 209 9.83 43.77 14.48
C ARG C 209 9.55 44.16 15.92
N PRO C 210 9.81 45.43 16.29
CA PRO C 210 9.54 45.87 17.67
C PRO C 210 8.07 45.74 18.01
N GLY C 211 7.77 44.88 18.98
CA GLY C 211 6.41 44.63 19.39
C GLY C 211 5.68 43.55 18.63
N GLN C 212 6.37 42.78 17.80
CA GLN C 212 5.77 41.71 17.02
C GLN C 212 6.61 40.45 17.13
N SER C 213 6.04 39.33 16.65
CA SER C 213 6.69 38.03 16.68
C SER C 213 7.53 37.82 15.42
N PRO C 214 8.62 37.08 15.51
CA PRO C 214 9.45 36.81 14.32
C PRO C 214 8.70 35.96 13.31
N GLN C 215 9.29 35.85 12.12
CA GLN C 215 8.71 35.05 11.05
C GLN C 215 9.81 34.69 10.06
N LEU C 216 9.62 33.56 9.38
CA LEU C 216 10.67 33.00 8.54
C LEU C 216 10.92 33.87 7.31
N LEU C 217 12.18 33.96 6.91
CA LEU C 217 12.57 34.71 5.72
C LEU C 217 12.97 33.79 4.58
N ILE C 218 13.95 32.91 4.79
CA ILE C 218 14.45 32.00 3.77
C ILE C 218 14.78 30.67 4.43
N TYR C 219 14.16 29.60 3.97
CA TYR C 219 14.47 28.26 4.43
C TYR C 219 15.39 27.57 3.42
N ARG C 220 16.21 26.66 3.94
CA ARG C 220 17.23 25.95 3.15
C ARG C 220 18.26 26.89 2.53
N MET C 221 18.35 28.12 3.05
CA MET C 221 19.40 29.08 2.74
C MET C 221 19.26 29.65 1.33
N SER C 222 18.32 29.11 0.53
CA SER C 222 18.12 29.59 -0.82
C SER C 222 16.67 29.65 -1.26
N ASN C 223 15.72 29.36 -0.38
CA ASN C 223 14.31 29.27 -0.76
C ASN C 223 13.50 30.15 0.18
N LEU C 224 12.78 31.12 -0.38
CA LEU C 224 11.97 32.03 0.40
C LEU C 224 10.65 31.38 0.80
N ALA C 225 10.15 31.78 1.97
CA ALA C 225 8.88 31.26 2.46
C ALA C 225 7.71 31.91 1.72
N SER C 226 6.51 31.40 2.00
CA SER C 226 5.31 31.94 1.37
C SER C 226 4.96 33.30 1.95
N GLY C 227 4.64 34.25 1.07
CA GLY C 227 4.28 35.59 1.48
C GLY C 227 5.41 36.57 1.56
N VAL C 228 6.58 36.25 1.00
CA VAL C 228 7.75 37.10 1.03
C VAL C 228 8.13 37.42 -0.42
N PRO C 229 8.25 38.68 -0.79
CA PRO C 229 8.63 39.01 -2.17
C PRO C 229 10.08 38.65 -2.45
N ASP C 230 10.41 38.57 -3.74
CA ASP C 230 11.73 38.17 -4.19
C ASP C 230 12.70 39.35 -4.01
N ARG C 231 13.05 39.59 -2.75
CA ARG C 231 14.02 40.62 -2.41
C ARG C 231 15.12 40.03 -1.54
N PHE C 232 14.77 39.01 -0.77
CA PHE C 232 15.73 38.31 0.09
C PHE C 232 16.36 37.19 -0.71
N SER C 233 17.66 37.29 -0.98
CA SER C 233 18.41 36.28 -1.71
C SER C 233 19.51 35.75 -0.79
N GLY C 234 19.40 34.48 -0.42
CA GLY C 234 20.34 33.85 0.50
C GLY C 234 21.45 33.13 -0.25
N SER C 235 22.68 33.39 0.19
CA SER C 235 23.86 32.77 -0.42
C SER C 235 24.81 32.35 0.69
N GLY C 236 25.72 31.45 0.34
CA GLY C 236 26.69 30.94 1.28
C GLY C 236 27.21 29.59 0.86
N SER C 237 28.22 29.13 1.59
CA SER C 237 28.86 27.84 1.30
C SER C 237 29.48 27.31 2.59
N GLY C 238 28.81 26.35 3.22
CA GLY C 238 29.36 25.67 4.38
C GLY C 238 29.20 26.40 5.70
N THR C 239 30.01 27.43 5.92
CA THR C 239 30.00 28.18 7.16
C THR C 239 29.60 29.64 7.00
N ALA C 240 30.16 30.33 6.01
CA ALA C 240 29.78 31.71 5.75
C ALA C 240 28.49 31.76 4.96
N PHE C 241 27.61 32.69 5.34
CA PHE C 241 26.33 32.87 4.67
C PHE C 241 26.08 34.34 4.45
N THR C 242 25.15 34.64 3.54
CA THR C 242 24.87 36.01 3.15
C THR C 242 23.38 36.14 2.85
N LEU C 243 22.77 37.20 3.38
CA LEU C 243 21.38 37.53 3.11
C LEU C 243 21.33 38.95 2.57
N THR C 244 21.07 39.09 1.28
CA THR C 244 21.07 40.39 0.62
C THR C 244 19.64 40.87 0.40
N ILE C 245 19.43 42.16 0.62
CA ILE C 245 18.15 42.82 0.40
C ILE C 245 18.37 43.90 -0.64
N SER C 246 17.74 43.75 -1.81
CA SER C 246 17.94 44.72 -2.88
C SER C 246 17.35 46.08 -2.52
N ARG C 247 16.10 46.11 -2.07
CA ARG C 247 15.45 47.34 -1.63
C ARG C 247 14.85 47.13 -0.26
N LEU C 248 15.28 47.95 0.70
CA LEU C 248 14.78 47.87 2.07
C LEU C 248 13.59 48.79 2.25
N GLU C 249 12.56 48.29 2.91
CA GLU C 249 11.35 49.05 3.22
C GLU C 249 11.20 49.14 4.74
N ALA C 250 10.05 49.67 5.17
CA ALA C 250 9.74 49.67 6.59
C ALA C 250 9.46 48.28 7.13
N GLU C 251 9.31 47.28 6.26
CA GLU C 251 9.05 45.92 6.69
C GLU C 251 10.31 45.15 7.02
N ASP C 252 11.47 45.57 6.53
CA ASP C 252 12.72 44.86 6.74
C ASP C 252 13.50 45.38 7.94
N VAL C 253 12.98 46.37 8.66
CA VAL C 253 13.68 46.96 9.80
C VAL C 253 13.37 46.10 11.02
N GLY C 254 14.38 45.37 11.50
CA GLY C 254 14.18 44.52 12.65
C GLY C 254 15.45 43.77 12.99
N VAL C 255 15.33 42.84 13.93
CA VAL C 255 16.45 42.03 14.38
C VAL C 255 16.49 40.74 13.56
N TYR C 256 17.68 40.41 13.08
CA TYR C 256 17.87 39.22 12.25
C TYR C 256 18.50 38.11 13.06
N TYR C 257 18.02 36.88 12.85
CA TYR C 257 18.51 35.70 13.55
C TYR C 257 18.83 34.61 12.55
N CYS C 258 19.99 33.99 12.70
CA CYS C 258 20.43 32.87 11.86
C CYS C 258 20.44 31.60 12.72
N MET C 259 19.40 30.79 12.57
CA MET C 259 19.23 29.57 13.35
C MET C 259 19.58 28.35 12.52
N GLN C 260 20.25 27.40 13.17
CA GLN C 260 20.58 26.12 12.56
C GLN C 260 19.65 25.04 13.12
N HIS C 261 19.36 24.04 12.28
CA HIS C 261 18.49 22.93 12.65
C HIS C 261 19.22 21.59 12.54
N LEU C 262 20.52 21.58 12.83
CA LEU C 262 21.33 20.37 12.72
C LEU C 262 21.24 19.51 13.99
N GLU C 263 21.62 20.08 15.13
CA GLU C 263 21.65 19.35 16.38
C GLU C 263 20.84 20.09 17.44
N TYR C 264 20.38 19.35 18.43
CA TYR C 264 19.64 19.90 19.55
C TYR C 264 20.55 20.06 20.76
N PRO C 265 20.45 21.16 21.52
CA PRO C 265 19.48 22.25 21.35
C PRO C 265 19.80 23.18 20.19
N LEU C 266 18.75 23.71 19.55
CA LEU C 266 18.94 24.64 18.44
C LEU C 266 19.45 25.97 18.97
N THR C 267 20.33 26.61 18.19
CA THR C 267 20.92 27.88 18.55
C THR C 267 20.60 28.92 17.49
N PHE C 268 20.25 30.12 17.95
CA PHE C 268 19.94 31.24 17.07
C PHE C 268 21.17 32.14 16.91
N GLY C 269 21.04 33.16 16.08
CA GLY C 269 22.12 34.10 15.86
C GLY C 269 22.28 35.09 16.98
N ALA C 270 23.27 35.97 16.82
CA ALA C 270 23.52 36.99 17.83
C ALA C 270 22.46 38.08 17.81
N GLY C 271 21.94 38.41 16.63
CA GLY C 271 20.92 39.44 16.53
C GLY C 271 21.41 40.73 15.89
N THR C 272 21.08 40.93 14.63
CA THR C 272 21.48 42.13 13.88
C THR C 272 20.31 43.10 13.87
N LYS C 273 20.36 44.11 14.71
CA LYS C 273 19.30 45.10 14.81
C LYS C 273 19.54 46.23 13.81
N LEU C 274 18.45 46.71 13.21
CA LEU C 274 18.51 47.77 12.21
C LEU C 274 17.88 49.04 12.77
N GLU C 275 18.46 50.19 12.41
CA GLU C 275 18.00 51.48 12.89
C GLU C 275 17.77 52.41 11.71
N LEU C 276 16.91 53.40 11.92
CA LEU C 276 16.61 54.39 10.88
C LEU C 276 16.90 55.80 11.38
N LYS D 29 7.57 13.36 -47.39
CA LYS D 29 8.74 12.51 -47.21
C LYS D 29 8.87 12.08 -45.76
N VAL D 30 8.68 10.78 -45.51
CA VAL D 30 8.72 10.23 -44.16
C VAL D 30 10.01 9.49 -43.86
N SER D 31 10.79 9.12 -44.89
CA SER D 31 12.01 8.37 -44.66
C SER D 31 13.03 9.19 -43.87
N LYS D 32 13.31 10.42 -44.31
CA LYS D 32 14.24 11.27 -43.59
C LYS D 32 13.60 11.88 -42.35
N ALA D 33 12.28 11.98 -42.31
CA ALA D 33 11.61 12.42 -41.08
C ALA D 33 11.78 11.40 -39.97
N ALA D 34 11.94 10.12 -40.32
CA ALA D 34 12.27 9.12 -39.31
C ALA D 34 13.70 9.27 -38.83
N ALA D 35 14.61 9.71 -39.71
CA ALA D 35 15.99 9.94 -39.33
C ALA D 35 16.17 11.21 -38.51
N ASP D 36 15.13 12.02 -38.36
CA ASP D 36 15.22 13.22 -37.53
C ASP D 36 15.43 12.87 -36.06
N LEU D 37 15.02 11.68 -35.63
CA LEU D 37 15.23 11.27 -34.25
C LEU D 37 16.70 11.07 -33.92
N MET D 38 17.55 10.87 -34.94
CA MET D 38 18.98 10.73 -34.71
C MET D 38 19.60 12.02 -34.18
N ALA D 39 19.05 13.17 -34.56
CA ALA D 39 19.59 14.44 -34.10
C ALA D 39 19.23 14.74 -32.65
N TYR D 40 18.25 14.05 -32.10
CA TYR D 40 17.82 14.28 -30.72
C TYR D 40 18.25 13.18 -29.75
N CYS D 41 18.37 11.94 -30.21
CA CYS D 41 18.78 10.85 -29.33
C CYS D 41 20.29 10.76 -29.19
N GLU D 42 21.03 11.00 -30.28
CA GLU D 42 22.48 10.94 -30.22
C GLU D 42 23.10 12.19 -29.62
N ALA D 43 22.34 13.28 -29.54
CA ALA D 43 22.83 14.51 -28.92
C ALA D 43 22.50 14.61 -27.44
N HIS D 44 21.43 13.93 -26.99
CA HIS D 44 21.03 13.93 -25.60
C HIS D 44 21.35 12.62 -24.89
N ALA D 45 22.18 11.76 -25.50
CA ALA D 45 22.53 10.50 -24.89
C ALA D 45 23.56 10.63 -23.79
N LYS D 46 24.31 11.74 -23.76
CA LYS D 46 25.33 11.91 -22.73
C LYS D 46 24.71 12.14 -21.36
N GLU D 47 23.61 12.90 -21.29
CA GLU D 47 22.92 13.18 -20.04
C GLU D 47 21.82 12.17 -19.74
N ASP D 48 21.93 10.96 -20.27
CA ASP D 48 20.95 9.90 -20.02
C ASP D 48 21.57 8.83 -19.13
N PRO D 49 21.25 8.80 -17.83
CA PRO D 49 21.82 7.76 -16.96
C PRO D 49 21.35 6.35 -17.27
N LEU D 50 20.31 6.20 -18.09
CA LEU D 50 19.78 4.88 -18.44
C LEU D 50 20.54 4.26 -19.61
N LEU D 51 20.90 5.06 -20.62
CA LEU D 51 21.62 4.53 -21.77
C LEU D 51 23.12 4.43 -21.50
N THR D 52 23.71 5.45 -20.88
CA THR D 52 25.14 5.43 -20.60
C THR D 52 25.38 5.03 -19.15
N PRO D 53 26.44 4.26 -18.88
CA PRO D 53 26.73 3.87 -17.50
C PRO D 53 27.10 5.07 -16.65
N VAL D 54 26.62 5.07 -15.42
CA VAL D 54 26.86 6.17 -14.49
C VAL D 54 27.30 5.59 -13.14
N PRO D 55 28.17 6.28 -12.40
CA PRO D 55 28.59 5.75 -11.09
C PRO D 55 27.46 5.82 -10.07
N ALA D 56 27.55 4.94 -9.07
CA ALA D 56 26.53 4.89 -8.04
C ALA D 56 26.63 6.06 -7.05
N SER D 57 27.81 6.67 -6.94
CA SER D 57 27.97 7.79 -6.02
C SER D 57 27.27 9.04 -6.54
N GLU D 58 27.30 9.25 -7.86
CA GLU D 58 26.64 10.43 -8.43
C GLU D 58 25.13 10.28 -8.40
N ASN D 59 24.61 9.06 -8.46
CA ASN D 59 23.18 8.84 -8.42
C ASN D 59 22.68 8.92 -6.98
N PRO D 60 21.59 9.66 -6.72
CA PRO D 60 21.06 9.72 -5.35
C PRO D 60 20.49 8.41 -4.85
N PHE D 61 20.34 7.40 -5.71
CA PHE D 61 19.81 6.10 -5.31
C PHE D 61 20.99 5.20 -4.97
N ARG D 62 21.33 5.14 -3.67
CA ARG D 62 22.43 4.34 -3.19
C ARG D 62 22.02 3.58 -1.95
N GLU D 63 22.70 2.46 -1.70
CA GLU D 63 22.41 1.63 -0.54
C GLU D 63 23.34 2.01 0.62
N LEU E 41 11.61 2.05 -40.28
CA LEU E 41 12.78 2.88 -40.49
C LEU E 41 14.06 2.07 -40.29
N SER E 42 13.93 0.74 -40.32
CA SER E 42 15.09 -0.12 -40.08
C SER E 42 16.16 0.02 -41.15
N GLN E 43 15.79 0.44 -42.35
CA GLN E 43 16.81 0.67 -43.39
C GLN E 43 17.67 1.88 -43.05
N ILE E 44 17.10 2.89 -42.40
CA ILE E 44 17.87 3.98 -41.82
C ILE E 44 18.36 3.47 -40.46
N THR E 45 19.27 4.21 -39.82
CA THR E 45 19.82 3.86 -38.51
C THR E 45 20.68 2.59 -38.60
N ASN E 46 21.60 2.58 -39.56
CA ASN E 46 22.58 1.52 -39.70
C ASN E 46 23.74 1.65 -38.72
N ASN E 47 23.84 2.78 -38.01
CA ASN E 47 24.93 3.00 -37.07
C ASN E 47 24.64 2.49 -35.66
N ILE E 48 23.39 2.10 -35.38
CA ILE E 48 22.99 1.73 -34.03
C ILE E 48 22.45 0.31 -34.02
N ASP E 49 22.40 -0.26 -32.82
CA ASP E 49 21.95 -1.63 -32.59
C ASP E 49 21.59 -1.78 -31.13
N PRO E 50 20.86 -2.84 -30.76
CA PRO E 50 20.55 -3.05 -29.33
C PRO E 50 21.83 -3.11 -28.49
N VAL E 51 21.87 -2.28 -27.46
CA VAL E 51 23.11 -2.09 -26.68
C VAL E 51 23.11 -3.18 -25.62
N GLY E 52 23.51 -4.37 -26.02
CA GLY E 52 23.65 -5.48 -25.11
C GLY E 52 22.34 -5.81 -24.42
N ARG E 53 22.36 -5.79 -23.09
CA ARG E 53 21.18 -6.05 -22.27
C ARG E 53 21.11 -4.99 -21.19
N ILE E 54 20.09 -4.13 -21.26
CA ILE E 54 19.89 -3.07 -20.28
C ILE E 54 19.50 -3.71 -18.96
N GLN E 55 20.37 -3.64 -17.97
CA GLN E 55 20.15 -4.22 -16.65
C GLN E 55 19.94 -3.08 -15.66
N MET E 56 18.68 -2.72 -15.44
CA MET E 56 18.31 -1.68 -14.47
C MET E 56 18.10 -2.35 -13.12
N ARG E 57 18.96 -2.03 -12.15
CA ARG E 57 18.88 -2.63 -10.84
C ARG E 57 17.78 -1.98 -10.01
N THR E 58 17.09 -2.80 -9.22
CA THR E 58 16.02 -2.31 -8.36
C THR E 58 16.64 -1.60 -7.15
N ARG E 59 16.58 -0.29 -7.14
CA ARG E 59 17.18 0.50 -6.06
C ARG E 59 16.21 0.75 -4.92
N ARG E 60 15.00 1.22 -5.22
CA ARG E 60 14.02 1.55 -4.21
C ARG E 60 12.71 0.83 -4.50
N THR E 61 12.04 0.40 -3.43
CA THR E 61 10.72 -0.21 -3.51
C THR E 61 9.81 0.50 -2.52
N LEU E 62 8.84 1.25 -3.01
CA LEU E 62 7.96 2.04 -2.15
C LEU E 62 6.93 1.12 -1.50
N ARG E 63 6.97 1.05 -0.17
CA ARG E 63 6.05 0.23 0.61
C ARG E 63 5.12 1.12 1.42
N GLY E 64 3.92 0.60 1.69
CA GLY E 64 2.94 1.34 2.47
C GLY E 64 1.52 1.23 1.96
N HIS E 65 1.37 1.04 0.65
CA HIS E 65 0.04 0.88 0.08
C HIS E 65 -0.54 -0.49 0.43
N LEU E 66 -1.88 -0.57 0.42
CA LEU E 66 -2.57 -1.79 0.76
C LEU E 66 -3.59 -2.20 -0.31
N ALA E 67 -3.53 -1.62 -1.50
CA ALA E 67 -4.47 -1.96 -2.56
C ALA E 67 -3.72 -1.92 -3.89
N LYS E 68 -4.47 -1.99 -4.99
CA LYS E 68 -3.89 -2.06 -6.32
C LYS E 68 -3.56 -0.67 -6.82
N ILE E 69 -2.30 -0.45 -7.21
CA ILE E 69 -1.90 0.82 -7.79
C ILE E 69 -2.41 0.93 -9.22
N TYR E 70 -2.82 2.12 -9.62
CA TYR E 70 -3.38 2.32 -10.96
C TYR E 70 -2.80 3.51 -11.71
N ALA E 71 -2.16 4.46 -11.05
CA ALA E 71 -1.63 5.63 -11.75
C ALA E 71 -0.51 6.25 -10.93
N MET E 72 0.34 7.00 -11.62
CA MET E 72 1.44 7.72 -11.00
C MET E 72 1.94 8.78 -11.97
N HIS E 73 2.70 9.74 -11.43
CA HIS E 73 3.26 10.81 -12.25
C HIS E 73 4.52 11.32 -11.58
N TRP E 74 5.42 11.88 -12.39
CA TRP E 74 6.70 12.41 -11.93
C TRP E 74 6.72 13.93 -12.06
N GLY E 75 7.88 14.51 -11.77
CA GLY E 75 8.09 15.94 -11.90
C GLY E 75 9.51 16.23 -12.36
N THR E 76 9.78 17.52 -12.58
CA THR E 76 11.12 17.93 -13.00
C THR E 76 12.13 17.74 -11.88
N ASP E 77 11.71 17.99 -10.63
CA ASP E 77 12.61 17.79 -9.49
C ASP E 77 12.99 16.34 -9.30
N SER E 78 12.17 15.40 -9.76
CA SER E 78 12.49 13.97 -9.75
C SER E 78 12.75 13.46 -8.33
N ARG E 79 12.02 14.01 -7.36
CA ARG E 79 12.17 13.58 -5.98
C ARG E 79 10.81 13.29 -5.36
N LEU E 80 9.76 13.94 -5.85
CA LEU E 80 8.40 13.76 -5.36
C LEU E 80 7.54 13.23 -6.50
N LEU E 81 6.86 12.11 -6.25
CA LEU E 81 5.99 11.48 -7.23
C LEU E 81 4.67 11.12 -6.57
N VAL E 82 3.58 11.30 -7.32
CA VAL E 82 2.23 11.00 -6.84
C VAL E 82 1.88 9.57 -7.26
N SER E 83 1.00 8.94 -6.49
CA SER E 83 0.55 7.59 -6.79
C SER E 83 -0.87 7.41 -6.28
N ALA E 84 -1.71 6.77 -7.09
CA ALA E 84 -3.10 6.52 -6.74
C ALA E 84 -3.34 5.01 -6.64
N SER E 85 -4.07 4.61 -5.62
CA SER E 85 -4.39 3.21 -5.38
C SER E 85 -5.88 3.06 -5.06
N GLN E 86 -6.35 1.81 -5.08
CA GLN E 86 -7.75 1.52 -4.88
C GLN E 86 -8.19 1.61 -3.42
N ASP E 87 -7.28 1.96 -2.50
CA ASP E 87 -7.62 2.10 -1.08
C ASP E 87 -8.14 3.49 -0.74
N GLY E 88 -8.29 4.38 -1.72
CA GLY E 88 -8.75 5.71 -1.45
C GLY E 88 -7.74 6.62 -0.80
N LYS E 89 -6.45 6.46 -1.14
CA LYS E 89 -5.38 7.26 -0.56
C LYS E 89 -4.47 7.73 -1.68
N LEU E 90 -4.17 9.04 -1.67
CA LEU E 90 -3.24 9.65 -2.62
C LEU E 90 -1.97 10.02 -1.85
N ILE E 91 -0.87 9.34 -2.17
CA ILE E 91 0.38 9.47 -1.43
C ILE E 91 1.39 10.21 -2.29
N ILE E 92 2.06 11.19 -1.69
CA ILE E 92 3.16 11.90 -2.32
C ILE E 92 4.45 11.26 -1.81
N TRP E 93 5.05 10.40 -2.62
CA TRP E 93 6.22 9.65 -2.20
C TRP E 93 7.50 10.47 -2.38
N ASP E 94 8.47 10.19 -1.52
CA ASP E 94 9.82 10.73 -1.68
C ASP E 94 10.67 9.70 -2.41
N SER E 95 11.22 10.10 -3.56
CA SER E 95 11.92 9.14 -4.42
C SER E 95 13.24 8.69 -3.81
N TYR E 96 13.95 9.59 -3.13
CA TYR E 96 15.28 9.28 -2.64
C TYR E 96 15.29 8.59 -1.30
N THR E 97 14.27 8.81 -0.47
CA THR E 97 14.24 8.24 0.88
C THR E 97 13.06 7.32 1.11
N THR E 98 12.22 7.07 0.10
CA THR E 98 11.06 6.18 0.21
C THR E 98 10.14 6.60 1.37
N ASN E 99 9.99 7.91 1.56
CA ASN E 99 9.13 8.46 2.60
C ASN E 99 7.87 9.04 1.97
N LYS E 100 6.81 9.13 2.78
CA LYS E 100 5.53 9.66 2.36
C LYS E 100 5.44 11.12 2.77
N VAL E 101 5.38 12.02 1.79
CA VAL E 101 5.28 13.45 2.09
C VAL E 101 3.87 13.80 2.54
N HIS E 102 2.86 13.33 1.81
CA HIS E 102 1.47 13.59 2.16
C HIS E 102 0.64 12.34 1.94
N ALA E 103 -0.42 12.21 2.73
CA ALA E 103 -1.37 11.11 2.62
C ALA E 103 -2.77 11.71 2.48
N ILE E 104 -3.25 11.82 1.26
CA ILE E 104 -4.53 12.47 0.96
C ILE E 104 -5.62 11.41 1.02
N PRO E 105 -6.55 11.49 1.97
CA PRO E 105 -7.68 10.54 2.02
C PRO E 105 -8.69 10.87 0.92
N LEU E 106 -8.73 10.01 -0.11
CA LEU E 106 -9.63 10.24 -1.23
C LEU E 106 -11.06 9.86 -0.86
N ARG E 107 -12.01 10.64 -1.37
CA ARG E 107 -13.42 10.37 -1.09
C ARG E 107 -13.91 9.14 -1.85
N SER E 108 -13.38 8.89 -3.05
CA SER E 108 -13.76 7.74 -3.86
C SER E 108 -12.55 6.82 -3.98
N SER E 109 -12.73 5.57 -3.55
CA SER E 109 -11.63 4.60 -3.60
C SER E 109 -11.37 4.07 -5.00
N TRP E 110 -12.29 4.28 -5.93
CA TRP E 110 -12.12 3.79 -7.30
C TRP E 110 -11.45 4.83 -8.20
N VAL E 111 -10.29 5.30 -7.77
CA VAL E 111 -9.52 6.27 -8.56
C VAL E 111 -8.72 5.52 -9.61
N MET E 112 -8.73 6.05 -10.84
CA MET E 112 -8.04 5.43 -11.96
C MET E 112 -6.91 6.28 -12.53
N THR E 113 -6.81 7.55 -12.16
CA THR E 113 -5.76 8.40 -12.68
C THR E 113 -5.36 9.43 -11.63
N CYS E 114 -4.12 9.92 -11.75
CA CYS E 114 -3.62 10.95 -10.87
C CYS E 114 -2.51 11.71 -11.61
N ALA E 115 -2.40 12.99 -11.31
CA ALA E 115 -1.43 13.85 -11.98
C ALA E 115 -0.65 14.65 -10.94
N TYR E 116 0.54 15.08 -11.35
CA TYR E 116 1.42 15.90 -10.51
C TYR E 116 1.80 17.14 -11.30
N ALA E 117 1.34 18.30 -10.84
CA ALA E 117 1.61 19.54 -11.55
C ALA E 117 3.10 19.91 -11.46
N PRO E 118 3.63 20.57 -12.49
CA PRO E 118 5.05 20.97 -12.44
C PRO E 118 5.36 21.93 -11.31
N SER E 119 4.38 22.70 -10.84
CA SER E 119 4.60 23.61 -9.72
C SER E 119 4.67 22.89 -8.38
N GLY E 120 4.22 21.64 -8.32
CA GLY E 120 4.23 20.89 -7.08
C GLY E 120 3.25 21.36 -6.03
N ASN E 121 2.25 22.15 -6.42
CA ASN E 121 1.29 22.69 -5.48
C ASN E 121 -0.06 21.96 -5.48
N TYR E 122 -0.47 21.42 -6.63
CA TYR E 122 -1.75 20.77 -6.76
C TYR E 122 -1.59 19.41 -7.41
N VAL E 123 -2.46 18.48 -7.03
CA VAL E 123 -2.50 17.14 -7.61
C VAL E 123 -3.96 16.76 -7.83
N ALA E 124 -4.22 16.09 -8.96
CA ALA E 124 -5.56 15.68 -9.33
C ALA E 124 -5.72 14.17 -9.17
N CYS E 125 -6.98 13.73 -9.14
CA CYS E 125 -7.28 12.30 -9.03
C CYS E 125 -8.68 12.07 -9.59
N GLY E 126 -8.76 11.37 -10.72
CA GLY E 126 -10.03 11.04 -11.34
C GLY E 126 -10.27 9.54 -11.31
N GLY E 127 -11.54 9.16 -11.31
CA GLY E 127 -11.91 7.76 -11.24
C GLY E 127 -13.30 7.52 -11.77
N LEU E 128 -13.97 6.52 -11.20
CA LEU E 128 -15.31 6.16 -11.66
C LEU E 128 -16.35 7.18 -11.23
N ASP E 129 -16.11 7.88 -10.12
CA ASP E 129 -17.06 8.88 -9.64
C ASP E 129 -17.10 10.13 -10.52
N ASN E 130 -16.13 10.28 -11.44
CA ASN E 130 -16.06 11.43 -12.35
C ASN E 130 -15.97 12.74 -11.58
N ILE E 131 -15.27 12.72 -10.46
CA ILE E 131 -15.04 13.91 -9.63
C ILE E 131 -13.53 14.09 -9.53
N CYS E 132 -12.97 14.92 -10.41
CA CYS E 132 -11.53 15.19 -10.43
C CYS E 132 -11.23 16.16 -9.29
N SER E 133 -11.10 15.61 -8.09
CA SER E 133 -10.85 16.41 -6.89
C SER E 133 -9.39 16.85 -6.90
N ILE E 134 -9.13 18.08 -7.33
CA ILE E 134 -7.78 18.64 -7.35
C ILE E 134 -7.47 19.16 -5.95
N TYR E 135 -6.50 18.55 -5.28
CA TYR E 135 -6.13 18.94 -3.94
C TYR E 135 -5.02 19.99 -3.98
N ASN E 136 -4.70 20.53 -2.80
CA ASN E 136 -3.67 21.55 -2.64
C ASN E 136 -2.63 21.04 -1.66
N LEU E 137 -1.46 20.67 -2.17
CA LEU E 137 -0.40 20.12 -1.32
C LEU E 137 0.19 21.19 -0.42
N LYS E 138 0.78 22.23 -1.02
CA LYS E 138 1.40 23.31 -0.27
C LYS E 138 0.31 24.26 0.22
N THR E 139 -0.16 24.02 1.43
CA THR E 139 -1.21 24.82 2.05
C THR E 139 -0.72 25.38 3.38
N ARG E 140 -1.46 26.35 3.91
CA ARG E 140 -1.12 26.95 5.19
C ARG E 140 -1.41 26.02 6.36
N GLU E 141 -2.29 25.05 6.19
CA GLU E 141 -2.62 24.10 7.24
C GLU E 141 -1.72 22.87 7.12
N GLY E 142 -2.04 21.83 7.89
CA GLY E 142 -1.27 20.61 7.85
C GLY E 142 -1.87 19.57 6.92
N ASN E 143 -3.19 19.41 6.98
CA ASN E 143 -3.86 18.44 6.12
C ASN E 143 -4.02 18.99 4.71
N VAL E 144 -4.11 18.09 3.75
CA VAL E 144 -4.26 18.47 2.35
C VAL E 144 -5.73 18.77 2.08
N ARG E 145 -6.00 20.02 1.67
CA ARG E 145 -7.36 20.47 1.41
C ARG E 145 -7.62 20.47 -0.09
N VAL E 146 -8.84 20.08 -0.48
CA VAL E 146 -9.20 20.06 -1.88
C VAL E 146 -9.37 21.48 -2.39
N SER E 147 -8.89 21.74 -3.61
CA SER E 147 -8.97 23.06 -4.20
C SER E 147 -10.19 23.22 -5.11
N ARG E 148 -10.44 22.25 -5.98
CA ARG E 148 -11.56 22.32 -6.90
C ARG E 148 -11.92 20.91 -7.36
N GLU E 149 -13.21 20.62 -7.40
CA GLU E 149 -13.72 19.34 -7.88
C GLU E 149 -14.34 19.53 -9.26
N LEU E 150 -14.10 18.56 -10.14
CA LEU E 150 -14.56 18.61 -11.53
C LEU E 150 -15.52 17.45 -11.75
N ALA E 151 -16.82 17.75 -11.75
CA ALA E 151 -17.87 16.74 -11.90
C ALA E 151 -18.74 17.04 -13.12
N GLY E 152 -18.11 17.38 -14.24
CA GLY E 152 -18.85 17.70 -15.44
C GLY E 152 -18.90 16.57 -16.45
N HIS E 153 -17.99 15.61 -16.33
CA HIS E 153 -17.94 14.49 -17.26
C HIS E 153 -19.04 13.48 -16.93
N THR E 154 -19.28 12.59 -17.89
CA THR E 154 -20.25 11.52 -17.74
C THR E 154 -19.62 10.13 -17.73
N GLY E 155 -18.61 9.90 -18.56
CA GLY E 155 -17.89 8.63 -18.53
C GLY E 155 -16.82 8.61 -17.46
N TYR E 156 -16.27 7.42 -17.25
CA TYR E 156 -15.24 7.24 -16.23
C TYR E 156 -13.98 8.02 -16.60
N LEU E 157 -13.42 8.73 -15.63
CA LEU E 157 -12.20 9.50 -15.86
C LEU E 157 -11.02 8.55 -15.98
N SER E 158 -10.33 8.61 -17.13
CA SER E 158 -9.26 7.69 -17.44
C SER E 158 -7.87 8.28 -17.22
N CYS E 159 -7.66 9.55 -17.57
CA CYS E 159 -6.35 10.16 -17.41
C CYS E 159 -6.50 11.67 -17.29
N CYS E 160 -5.62 12.27 -16.50
CA CYS E 160 -5.58 13.71 -16.32
C CYS E 160 -4.14 14.16 -16.25
N ARG E 161 -3.85 15.34 -16.83
CA ARG E 161 -2.49 15.87 -16.87
C ARG E 161 -2.55 17.37 -16.67
N PHE E 162 -1.70 17.88 -15.78
CA PHE E 162 -1.66 19.30 -15.47
C PHE E 162 -0.85 20.05 -16.53
N LEU E 163 -1.51 20.96 -17.26
CA LEU E 163 -0.79 21.88 -18.12
C LEU E 163 -0.03 22.91 -17.29
N ASP E 164 -0.75 23.59 -16.40
CA ASP E 164 -0.16 24.56 -15.47
C ASP E 164 -1.12 24.71 -14.30
N ASP E 165 -0.89 25.75 -13.49
CA ASP E 165 -1.76 26.00 -12.33
C ASP E 165 -3.13 26.55 -12.70
N ASN E 166 -3.39 26.80 -13.98
CA ASN E 166 -4.67 27.33 -14.43
C ASN E 166 -5.43 26.41 -15.37
N GLN E 167 -4.72 25.60 -16.17
CA GLN E 167 -5.36 24.71 -17.14
C GLN E 167 -4.94 23.27 -16.86
N ILE E 168 -5.87 22.35 -17.09
CA ILE E 168 -5.62 20.92 -16.90
C ILE E 168 -6.43 20.15 -17.92
N VAL E 169 -5.79 19.18 -18.59
CA VAL E 169 -6.44 18.33 -19.57
C VAL E 169 -6.80 17.01 -18.88
N THR E 170 -8.09 16.71 -18.82
CA THR E 170 -8.59 15.50 -18.19
C THR E 170 -9.49 14.75 -19.15
N SER E 171 -9.17 13.49 -19.41
CA SER E 171 -9.97 12.64 -20.29
C SER E 171 -11.05 11.93 -19.48
N SER E 172 -12.00 11.34 -20.20
CA SER E 172 -13.13 10.66 -19.58
C SER E 172 -13.54 9.48 -20.47
N GLY E 173 -14.48 8.69 -19.94
CA GLY E 173 -14.95 7.50 -20.62
C GLY E 173 -16.08 7.70 -21.60
N ASP E 174 -16.52 8.94 -21.82
CA ASP E 174 -17.58 9.25 -22.77
C ASP E 174 -17.05 9.66 -24.13
N THR E 175 -15.89 9.10 -24.53
CA THR E 175 -15.31 9.31 -25.85
C THR E 175 -15.02 10.79 -26.12
N THR E 176 -14.53 11.50 -25.10
CA THR E 176 -14.19 12.90 -25.25
C THR E 176 -13.24 13.33 -24.14
N CYS E 177 -12.54 14.42 -24.40
CA CYS E 177 -11.66 15.06 -23.42
C CYS E 177 -12.11 16.50 -23.21
N ALA E 178 -11.61 17.12 -22.15
CA ALA E 178 -11.99 18.48 -21.83
C ALA E 178 -10.85 19.19 -21.10
N LEU E 179 -10.76 20.50 -21.32
CA LEU E 179 -9.79 21.35 -20.65
C LEU E 179 -10.48 22.04 -19.48
N TRP E 180 -9.93 21.87 -18.28
CA TRP E 180 -10.56 22.35 -17.06
C TRP E 180 -9.71 23.44 -16.41
N ASP E 181 -10.35 24.20 -15.53
CA ASP E 181 -9.71 25.25 -14.74
C ASP E 181 -9.66 24.82 -13.27
N ILE E 182 -9.16 25.72 -12.43
CA ILE E 182 -8.99 25.47 -11.00
C ILE E 182 -9.72 26.51 -10.16
N GLU E 183 -9.55 27.79 -10.50
CA GLU E 183 -10.13 28.85 -9.68
C GLU E 183 -11.65 28.86 -9.77
N THR E 184 -12.20 28.52 -10.94
CA THR E 184 -13.64 28.48 -11.12
C THR E 184 -14.17 27.08 -11.42
N GLY E 185 -13.56 26.37 -12.37
CA GLY E 185 -13.94 25.00 -12.65
C GLY E 185 -14.99 24.85 -13.73
N GLN E 186 -14.56 24.80 -14.98
CA GLN E 186 -15.44 24.62 -16.14
C GLN E 186 -14.65 23.92 -17.24
N GLN E 187 -15.26 23.80 -18.41
CA GLN E 187 -14.64 23.17 -19.57
C GLN E 187 -14.41 24.24 -20.63
N THR E 188 -13.16 24.72 -20.73
CA THR E 188 -12.83 25.72 -21.74
C THR E 188 -12.98 25.16 -23.15
N THR E 189 -12.50 23.93 -23.38
CA THR E 189 -12.57 23.31 -24.69
C THR E 189 -12.82 21.83 -24.53
N THR E 190 -13.88 21.33 -25.17
CA THR E 190 -14.24 19.92 -25.13
C THR E 190 -13.95 19.29 -26.48
N PHE E 191 -13.07 18.30 -26.50
CA PHE E 191 -12.67 17.63 -27.73
C PHE E 191 -13.55 16.41 -27.94
N THR E 192 -14.40 16.45 -28.96
CA THR E 192 -15.33 15.36 -29.27
C THR E 192 -15.02 14.88 -30.69
N GLY E 193 -14.04 13.98 -30.81
CA GLY E 193 -13.70 13.43 -32.11
C GLY E 193 -13.43 11.95 -32.10
N HIS E 194 -13.43 11.34 -30.91
CA HIS E 194 -13.15 9.91 -30.77
C HIS E 194 -14.44 9.11 -30.70
N THR E 195 -14.44 7.95 -31.32
CA THR E 195 -15.58 7.03 -31.25
C THR E 195 -15.42 6.00 -30.14
N GLY E 196 -14.22 5.88 -29.55
CA GLY E 196 -13.98 4.95 -28.47
C GLY E 196 -13.62 5.69 -27.18
N ASP E 197 -13.56 4.92 -26.10
CA ASP E 197 -13.29 5.48 -24.78
C ASP E 197 -11.81 5.80 -24.64
N VAL E 198 -11.51 7.03 -24.22
CA VAL E 198 -10.13 7.43 -23.99
C VAL E 198 -9.58 6.69 -22.77
N MET E 199 -8.29 6.38 -22.82
CA MET E 199 -7.63 5.63 -21.75
C MET E 199 -6.49 6.38 -21.10
N SER E 200 -5.61 6.99 -21.90
CA SER E 200 -4.43 7.67 -21.36
C SER E 200 -4.24 9.02 -22.04
N LEU E 201 -3.39 9.84 -21.45
CA LEU E 201 -3.05 11.16 -21.95
C LEU E 201 -1.54 11.34 -21.91
N SER E 202 -1.07 12.38 -22.60
CA SER E 202 0.35 12.71 -22.63
C SER E 202 0.50 14.16 -23.07
N LEU E 203 1.42 14.87 -22.42
CA LEU E 203 1.65 16.28 -22.71
C LEU E 203 2.97 16.46 -23.44
N ALA E 204 3.00 17.45 -24.33
CA ALA E 204 4.21 17.80 -25.05
C ALA E 204 5.13 18.65 -24.18
N PRO E 205 6.41 18.74 -24.53
CA PRO E 205 7.32 19.59 -23.73
C PRO E 205 6.87 21.04 -23.63
N ASP E 206 6.18 21.56 -24.64
CA ASP E 206 5.68 22.93 -24.60
C ASP E 206 4.23 23.02 -24.14
N THR E 207 3.54 21.89 -24.01
CA THR E 207 2.15 21.85 -23.53
C THR E 207 1.24 22.74 -24.36
N ARG E 208 1.40 22.71 -25.68
CA ARG E 208 0.54 23.42 -26.59
C ARG E 208 -0.26 22.50 -27.51
N LEU E 209 0.12 21.22 -27.60
CA LEU E 209 -0.61 20.24 -28.40
C LEU E 209 -0.35 18.87 -27.80
N PHE E 210 -1.37 18.03 -27.78
CA PHE E 210 -1.27 16.74 -27.12
C PHE E 210 -2.01 15.67 -27.92
N VAL E 211 -1.45 14.47 -27.95
CA VAL E 211 -2.07 13.32 -28.58
C VAL E 211 -2.81 12.53 -27.51
N SER E 212 -3.81 11.76 -27.94
CA SER E 212 -4.63 10.99 -27.01
C SER E 212 -5.31 9.86 -27.76
N GLY E 213 -5.10 8.64 -27.29
CA GLY E 213 -5.68 7.46 -27.89
C GLY E 213 -6.90 6.98 -27.14
N ALA E 214 -7.79 6.28 -27.85
CA ALA E 214 -9.04 5.78 -27.30
C ALA E 214 -9.15 4.28 -27.55
N CYS E 215 -10.22 3.68 -27.02
CA CYS E 215 -10.43 2.25 -27.14
C CYS E 215 -10.76 1.80 -28.55
N ASP E 216 -11.12 2.73 -29.44
CA ASP E 216 -11.45 2.39 -30.83
C ASP E 216 -10.22 2.33 -31.73
N ALA E 217 -9.04 2.09 -31.15
CA ALA E 217 -7.78 2.04 -31.89
C ALA E 217 -7.52 3.31 -32.68
N SER E 218 -7.90 4.45 -32.11
CA SER E 218 -7.77 5.75 -32.77
C SER E 218 -7.19 6.75 -31.79
N ALA E 219 -6.12 7.42 -32.22
CA ALA E 219 -5.51 8.51 -31.47
C ALA E 219 -5.59 9.78 -32.29
N LYS E 220 -5.65 10.93 -31.60
CA LYS E 220 -5.78 12.21 -32.27
C LYS E 220 -4.89 13.24 -31.58
N LEU E 221 -4.24 14.08 -32.39
CA LEU E 221 -3.38 15.14 -31.89
C LEU E 221 -4.23 16.40 -31.71
N TRP E 222 -4.63 16.67 -30.47
CA TRP E 222 -5.48 17.80 -30.17
C TRP E 222 -4.63 19.04 -29.91
N ASP E 223 -5.22 20.20 -30.14
CA ASP E 223 -4.58 21.50 -29.91
C ASP E 223 -5.22 22.18 -28.70
N VAL E 224 -4.41 22.97 -28.00
CA VAL E 224 -4.91 23.69 -26.84
C VAL E 224 -5.34 25.11 -27.19
N ARG E 225 -4.74 25.72 -28.21
CA ARG E 225 -5.07 27.10 -28.56
C ARG E 225 -6.44 27.19 -29.20
N GLU E 226 -6.64 26.52 -30.35
CA GLU E 226 -7.93 26.55 -31.02
C GLU E 226 -8.84 25.41 -30.60
N GLY E 227 -8.29 24.24 -30.29
CA GLY E 227 -9.07 23.19 -29.67
C GLY E 227 -9.73 22.21 -30.61
N MET E 228 -8.96 21.61 -31.52
CA MET E 228 -9.47 20.57 -32.39
C MET E 228 -8.30 19.80 -32.98
N CYS E 229 -8.53 18.54 -33.31
CA CYS E 229 -7.47 17.67 -33.81
C CYS E 229 -7.04 18.10 -35.22
N ARG E 230 -5.79 17.79 -35.55
CA ARG E 230 -5.23 18.06 -36.86
C ARG E 230 -5.17 16.81 -37.73
N GLN E 231 -4.72 15.69 -37.17
CA GLN E 231 -4.66 14.43 -37.91
C GLN E 231 -4.75 13.27 -36.91
N THR E 232 -5.50 12.24 -37.29
CA THR E 232 -5.72 11.10 -36.42
C THR E 232 -4.59 10.08 -36.57
N PHE E 233 -4.55 9.14 -35.63
CA PHE E 233 -3.55 8.08 -35.61
C PHE E 233 -4.26 6.74 -35.50
N THR E 234 -4.45 6.08 -36.64
CA THR E 234 -5.14 4.79 -36.72
C THR E 234 -4.17 3.78 -37.35
N GLY E 235 -3.42 3.08 -36.50
CA GLY E 235 -2.48 2.09 -36.98
C GLY E 235 -2.54 0.79 -36.20
N HIS E 236 -3.33 0.77 -35.13
CA HIS E 236 -3.48 -0.39 -34.28
C HIS E 236 -4.75 -1.16 -34.63
N GLU E 237 -5.00 -2.23 -33.90
CA GLU E 237 -6.18 -3.06 -34.11
C GLU E 237 -6.99 -3.33 -32.85
N SER E 238 -6.45 -3.08 -31.66
CA SER E 238 -7.13 -3.36 -30.40
C SER E 238 -7.30 -2.06 -29.62
N ASP E 239 -7.73 -2.18 -28.37
CA ASP E 239 -7.99 -1.02 -27.53
C ASP E 239 -6.68 -0.37 -27.13
N ILE E 240 -6.50 0.90 -27.53
CA ILE E 240 -5.33 1.66 -27.11
C ILE E 240 -5.43 1.95 -25.61
N ASN E 241 -4.35 1.67 -24.89
CA ASN E 241 -4.35 1.80 -23.44
C ASN E 241 -3.41 2.87 -22.92
N ALA E 242 -2.24 3.03 -23.52
CA ALA E 242 -1.23 3.95 -23.02
C ALA E 242 -0.72 4.85 -24.14
N ILE E 243 -0.49 6.11 -23.82
CA ILE E 243 0.00 7.11 -24.75
C ILE E 243 1.10 7.92 -24.07
N CYS E 244 2.21 8.11 -24.76
CA CYS E 244 3.32 8.88 -24.22
C CYS E 244 4.06 9.57 -25.35
N PHE E 245 4.43 10.84 -25.12
CA PHE E 245 5.13 11.63 -26.12
C PHE E 245 6.61 11.26 -26.19
N PHE E 246 7.22 11.56 -27.33
CA PHE E 246 8.65 11.42 -27.51
C PHE E 246 9.36 12.65 -26.94
N PRO E 247 10.55 12.49 -26.35
CA PRO E 247 11.24 13.64 -25.76
C PRO E 247 11.55 14.74 -26.75
N ASN E 248 11.66 14.43 -28.05
CA ASN E 248 11.92 15.47 -29.04
C ASN E 248 10.68 16.31 -29.29
N GLY E 249 9.49 15.71 -29.21
CA GLY E 249 8.25 16.42 -29.43
C GLY E 249 7.62 16.21 -30.79
N ASN E 250 8.28 15.50 -31.69
CA ASN E 250 7.76 15.25 -33.03
C ASN E 250 7.25 13.82 -33.20
N ALA E 251 7.13 13.06 -32.12
CA ALA E 251 6.66 11.68 -32.18
C ALA E 251 6.03 11.32 -30.85
N PHE E 252 5.47 10.11 -30.78
CA PHE E 252 4.85 9.60 -29.57
C PHE E 252 4.61 8.11 -29.74
N ALA E 253 4.64 7.38 -28.62
CA ALA E 253 4.40 5.95 -28.60
C ALA E 253 2.94 5.66 -28.29
N THR E 254 2.44 4.55 -28.81
CA THR E 254 1.07 4.12 -28.61
C THR E 254 1.06 2.67 -28.17
N GLY E 255 0.34 2.38 -27.08
CA GLY E 255 0.25 1.04 -26.55
C GLY E 255 -1.16 0.50 -26.50
N SER E 256 -1.43 -0.53 -27.30
CA SER E 256 -2.75 -1.15 -27.36
C SER E 256 -2.70 -2.53 -26.71
N ASP E 257 -3.89 -3.15 -26.62
CA ASP E 257 -4.03 -4.44 -25.96
C ASP E 257 -3.82 -5.62 -26.91
N ASP E 258 -3.15 -5.39 -28.04
CA ASP E 258 -2.85 -6.45 -29.00
C ASP E 258 -1.39 -6.88 -28.94
N ALA E 259 -0.72 -6.67 -27.81
CA ALA E 259 0.64 -7.15 -27.57
C ALA E 259 1.65 -6.55 -28.54
N THR E 260 1.55 -5.25 -28.77
CA THR E 260 2.49 -4.55 -29.63
C THR E 260 2.34 -3.05 -29.44
N CYS E 261 3.46 -2.34 -29.59
CA CYS E 261 3.49 -0.88 -29.55
C CYS E 261 3.93 -0.35 -30.90
N ARG E 262 3.56 0.91 -31.17
CA ARG E 262 3.90 1.57 -32.42
C ARG E 262 4.37 2.99 -32.12
N LEU E 263 5.12 3.55 -33.06
CA LEU E 263 5.67 4.91 -32.95
C LEU E 263 5.19 5.72 -34.14
N PHE E 264 4.35 6.72 -33.89
CA PHE E 264 3.82 7.58 -34.92
C PHE E 264 4.48 8.96 -34.86
N ASP E 265 4.38 9.69 -35.97
CA ASP E 265 4.95 11.02 -36.09
C ASP E 265 3.85 12.07 -36.00
N LEU E 266 4.26 13.34 -36.08
CA LEU E 266 3.34 14.46 -36.05
C LEU E 266 3.44 15.34 -37.29
N ARG E 267 4.28 14.98 -38.26
CA ARG E 267 4.45 15.74 -39.49
C ARG E 267 3.89 15.02 -40.71
N ALA E 268 4.32 13.78 -40.95
CA ALA E 268 3.81 12.99 -42.07
C ALA E 268 2.80 11.94 -41.65
N ASP E 269 2.84 11.50 -40.38
CA ASP E 269 1.87 10.56 -39.81
C ASP E 269 1.84 9.24 -40.60
N GLN E 270 2.95 8.51 -40.48
CA GLN E 270 3.04 7.15 -41.00
C GLN E 270 3.89 6.32 -40.05
N GLU E 271 3.45 5.09 -39.81
CA GLU E 271 4.11 4.23 -38.82
C GLU E 271 5.54 3.92 -39.25
N LEU E 272 6.48 4.16 -38.34
CA LEU E 272 7.89 3.93 -38.61
C LEU E 272 8.39 2.59 -38.09
N MET E 273 7.86 2.11 -36.97
CA MET E 273 8.36 0.89 -36.36
C MET E 273 7.24 0.26 -35.54
N THR E 274 7.36 -1.06 -35.33
CA THR E 274 6.37 -1.83 -34.60
C THR E 274 7.08 -2.65 -33.53
N TYR E 275 6.63 -2.52 -32.28
CA TYR E 275 7.22 -3.25 -31.17
C TYR E 275 6.49 -4.59 -30.96
N SER E 276 6.42 -5.35 -32.05
CA SER E 276 5.74 -6.64 -32.06
C SER E 276 6.73 -7.77 -31.86
N HIS E 277 6.32 -8.79 -31.12
CA HIS E 277 7.15 -9.96 -30.87
C HIS E 277 6.26 -11.11 -30.43
N ASP E 278 6.57 -12.31 -30.93
CA ASP E 278 5.75 -13.48 -30.64
C ASP E 278 5.86 -13.95 -29.20
N ASN E 279 6.86 -13.48 -28.45
CA ASN E 279 7.01 -13.88 -27.06
C ASN E 279 6.03 -13.17 -26.13
N ILE E 280 5.34 -12.14 -26.61
CA ILE E 280 4.40 -11.38 -25.80
C ILE E 280 2.98 -11.74 -26.26
N ILE E 281 2.22 -12.37 -25.37
CA ILE E 281 0.84 -12.74 -25.65
C ILE E 281 -0.12 -12.06 -24.69
N CYS E 282 0.33 -11.01 -24.03
CA CYS E 282 -0.44 -10.28 -23.03
C CYS E 282 -0.79 -8.89 -23.54
N GLY E 283 -1.43 -8.11 -22.68
CA GLY E 283 -1.81 -6.74 -23.01
C GLY E 283 -0.71 -5.75 -22.68
N ILE E 284 -1.07 -4.47 -22.77
CA ILE E 284 -0.16 -3.37 -22.48
C ILE E 284 -0.91 -2.35 -21.63
N THR E 285 -0.27 -1.89 -20.55
CA THR E 285 -0.89 -0.94 -19.63
C THR E 285 -0.12 0.37 -19.50
N SER E 286 1.12 0.44 -19.95
CA SER E 286 1.92 1.65 -19.80
C SER E 286 3.01 1.67 -20.84
N VAL E 287 3.41 2.88 -21.23
CA VAL E 287 4.51 3.10 -22.17
C VAL E 287 5.14 4.44 -21.85
N SER E 288 6.46 4.53 -22.01
CA SER E 288 7.18 5.75 -21.71
C SER E 288 8.54 5.72 -22.41
N PHE E 289 9.19 6.88 -22.42
CA PHE E 289 10.52 7.05 -22.99
C PHE E 289 11.48 7.50 -21.89
N SER E 290 12.78 7.40 -22.19
CA SER E 290 13.82 7.88 -21.31
C SER E 290 14.08 9.35 -21.60
N LYS E 291 15.16 9.90 -21.03
CA LYS E 291 15.49 11.29 -21.30
C LYS E 291 16.05 11.47 -22.72
N SER E 292 16.76 10.47 -23.23
CA SER E 292 17.33 10.52 -24.56
C SER E 292 16.40 9.96 -25.63
N GLY E 293 15.25 9.43 -25.23
CA GLY E 293 14.32 8.88 -26.20
C GLY E 293 14.84 7.67 -26.94
N ARG E 294 15.71 6.88 -26.31
CA ARG E 294 16.31 5.70 -26.92
C ARG E 294 15.79 4.40 -26.34
N LEU E 295 15.55 4.34 -25.04
CA LEU E 295 15.09 3.13 -24.37
C LEU E 295 13.62 3.31 -24.00
N LEU E 296 12.74 2.68 -24.77
CA LEU E 296 11.29 2.79 -24.53
C LEU E 296 10.90 1.86 -23.39
N LEU E 297 10.29 2.43 -22.35
CA LEU E 297 9.84 1.66 -21.19
C LEU E 297 8.40 1.23 -21.42
N ALA E 298 8.21 -0.05 -21.76
CA ALA E 298 6.89 -0.61 -22.05
C ALA E 298 6.47 -1.46 -20.87
N GLY E 299 5.46 -0.99 -20.14
CA GLY E 299 4.94 -1.71 -18.98
C GLY E 299 3.90 -2.74 -19.32
N TYR E 300 4.32 -3.87 -19.89
CA TYR E 300 3.38 -4.93 -20.23
C TYR E 300 2.79 -5.54 -18.95
N ASP E 301 1.55 -6.03 -19.07
CA ASP E 301 0.80 -6.54 -17.93
C ASP E 301 1.06 -8.01 -17.65
N ASP E 302 2.22 -8.53 -18.06
CA ASP E 302 2.60 -9.91 -17.78
C ASP E 302 3.47 -10.03 -16.54
N PHE E 303 3.26 -9.17 -15.54
CA PHE E 303 3.96 -9.09 -14.27
C PHE E 303 5.38 -8.55 -14.42
N ASN E 304 5.85 -8.28 -15.64
CA ASN E 304 7.19 -7.79 -15.87
C ASN E 304 7.14 -6.64 -16.88
N CYS E 305 8.09 -5.72 -16.75
CA CYS E 305 8.25 -4.62 -17.69
C CYS E 305 9.30 -4.97 -18.73
N ASN E 306 9.28 -4.21 -19.83
CA ASN E 306 10.20 -4.43 -20.94
C ASN E 306 10.77 -3.09 -21.38
N VAL E 307 12.10 -3.04 -21.50
CA VAL E 307 12.81 -1.85 -21.95
C VAL E 307 13.12 -2.05 -23.42
N TRP E 308 12.30 -1.44 -24.29
CA TRP E 308 12.44 -1.61 -25.73
C TRP E 308 13.32 -0.52 -26.32
N ASP E 309 13.99 -0.85 -27.43
CA ASP E 309 14.79 0.11 -28.17
C ASP E 309 13.85 1.00 -28.98
N ALA E 310 13.88 2.31 -28.70
CA ALA E 310 12.96 3.24 -29.34
C ALA E 310 13.30 3.53 -30.79
N LEU E 311 14.33 2.89 -31.35
CA LEU E 311 14.72 3.12 -32.74
C LEU E 311 14.75 1.86 -33.58
N LYS E 312 14.88 0.67 -32.99
CA LYS E 312 14.91 -0.57 -33.74
C LYS E 312 13.92 -1.61 -33.24
N ALA E 313 13.19 -1.34 -32.16
CA ALA E 313 12.16 -2.24 -31.63
C ALA E 313 12.76 -3.60 -31.26
N ASP E 314 13.87 -3.57 -30.53
CA ASP E 314 14.55 -4.78 -30.07
C ASP E 314 14.52 -4.83 -28.55
N ARG E 315 14.32 -6.04 -28.01
CA ARG E 315 14.25 -6.24 -26.57
C ARG E 315 15.61 -5.95 -25.96
N ALA E 316 15.72 -4.83 -25.25
CA ALA E 316 16.98 -4.44 -24.60
C ALA E 316 17.03 -4.81 -23.13
N GLY E 317 15.89 -4.80 -22.44
CA GLY E 317 15.87 -5.14 -21.02
C GLY E 317 14.49 -5.56 -20.60
N VAL E 318 14.43 -6.43 -19.59
CA VAL E 318 13.18 -6.94 -19.05
C VAL E 318 13.22 -6.72 -17.53
N LEU E 319 12.40 -5.79 -17.06
CA LEU E 319 12.33 -5.47 -15.64
C LEU E 319 11.33 -6.42 -14.98
N ALA E 320 11.84 -7.40 -14.25
CA ALA E 320 11.02 -8.40 -13.60
C ALA E 320 11.13 -8.27 -12.08
N GLY E 321 10.08 -8.71 -11.38
CA GLY E 321 10.06 -8.65 -9.94
C GLY E 321 8.71 -8.29 -9.36
N HIS E 322 7.84 -7.72 -10.18
CA HIS E 322 6.51 -7.35 -9.72
C HIS E 322 5.67 -8.59 -9.50
N ASP E 323 4.94 -8.63 -8.39
CA ASP E 323 4.13 -9.79 -8.03
C ASP E 323 2.73 -9.75 -8.65
N ASN E 324 2.41 -8.72 -9.42
CA ASN E 324 1.09 -8.60 -10.04
C ASN E 324 1.20 -7.77 -11.30
N ARG E 325 0.08 -7.64 -12.02
CA ARG E 325 0.06 -6.89 -13.26
C ARG E 325 0.34 -5.42 -13.01
N VAL E 326 1.23 -4.84 -13.82
CA VAL E 326 1.54 -3.42 -13.72
C VAL E 326 0.46 -2.62 -14.40
N SER E 327 0.25 -1.39 -13.91
CA SER E 327 -0.80 -0.53 -14.45
C SER E 327 -0.26 0.85 -14.79
N CYS E 328 0.78 1.28 -14.08
CA CYS E 328 1.34 2.62 -14.25
C CYS E 328 2.85 2.54 -14.38
N LEU E 329 3.42 3.54 -15.07
CA LEU E 329 4.86 3.61 -15.27
C LEU E 329 5.22 5.06 -15.61
N GLY E 330 6.34 5.52 -15.08
CA GLY E 330 6.78 6.88 -15.34
C GLY E 330 8.28 7.05 -15.20
N VAL E 331 8.89 7.76 -16.15
CA VAL E 331 10.31 8.07 -16.13
C VAL E 331 10.50 9.51 -15.70
N THR E 332 11.46 9.74 -14.80
CA THR E 332 11.70 11.08 -14.29
C THR E 332 12.19 12.00 -15.40
N ASP E 333 11.88 13.29 -15.26
CA ASP E 333 12.38 14.28 -16.22
C ASP E 333 13.90 14.38 -16.17
N ASP E 334 14.50 14.13 -15.00
CA ASP E 334 15.95 14.11 -14.90
C ASP E 334 16.52 12.89 -15.62
N GLY E 335 15.81 11.78 -15.59
CA GLY E 335 16.27 10.56 -16.24
C GLY E 335 17.07 9.65 -15.35
N MET E 336 17.10 9.90 -14.03
CA MET E 336 17.91 9.09 -13.12
C MET E 336 17.31 7.69 -12.97
N ALA E 337 16.06 7.61 -12.54
CA ALA E 337 15.42 6.34 -12.24
C ALA E 337 14.07 6.26 -12.94
N VAL E 338 13.50 5.05 -12.95
CA VAL E 338 12.20 4.78 -13.55
C VAL E 338 11.35 4.06 -12.51
N ALA E 339 10.15 4.57 -12.26
CA ALA E 339 9.24 4.00 -11.28
C ALA E 339 8.16 3.20 -12.00
N THR E 340 7.99 1.95 -11.57
CA THR E 340 6.98 1.06 -12.13
C THR E 340 6.02 0.64 -11.02
N GLY E 341 4.73 0.71 -11.30
CA GLY E 341 3.72 0.35 -10.33
C GLY E 341 2.84 -0.80 -10.76
N SER E 342 2.61 -1.76 -9.87
CA SER E 342 1.80 -2.94 -10.14
C SER E 342 0.65 -3.01 -9.14
N TRP E 343 -0.19 -4.03 -9.30
CA TRP E 343 -1.34 -4.25 -8.44
C TRP E 343 -0.98 -4.91 -7.12
N ASP E 344 0.31 -5.14 -6.86
CA ASP E 344 0.76 -5.75 -5.62
C ASP E 344 1.08 -4.73 -4.53
N SER E 345 0.54 -3.51 -4.64
CA SER E 345 0.74 -2.43 -3.68
C SER E 345 2.21 -2.05 -3.53
N PHE E 346 3.04 -2.37 -4.52
CA PHE E 346 4.46 -2.10 -4.48
C PHE E 346 4.84 -1.19 -5.65
N LEU E 347 5.62 -0.16 -5.37
CA LEU E 347 6.12 0.76 -6.39
C LEU E 347 7.63 0.59 -6.47
N LYS E 348 8.10 -0.07 -7.53
CA LYS E 348 9.51 -0.37 -7.69
C LYS E 348 10.20 0.72 -8.50
N ILE E 349 11.38 1.14 -8.02
CA ILE E 349 12.20 2.15 -8.68
C ILE E 349 13.38 1.45 -9.33
N TRP E 350 13.55 1.67 -10.63
CA TRP E 350 14.59 1.01 -11.42
C TRP E 350 15.65 2.01 -11.83
N ASN E 351 16.91 1.64 -11.67
CA ASN E 351 18.03 2.49 -12.04
C ASN E 351 19.29 1.65 -12.28
#